data_1L0Y
#
_entry.id   1L0Y
#
_cell.length_a   71.722
_cell.length_b   83.734
_cell.length_c   93.900
_cell.angle_alpha   90.00
_cell.angle_beta   91.74
_cell.angle_gamma   90.00
#
_symmetry.space_group_name_H-M   'P 1 21 1'
#
loop_
_entity.id
_entity.type
_entity.pdbx_description
1 polymer '14.3.d T cell receptor beta chain'
2 polymer 'Exotoxin type A'
3 non-polymer 'ZINC ION'
4 non-polymer GLYCEROL
5 water water
#
loop_
_entity_poly.entity_id
_entity_poly.type
_entity_poly.pdbx_seq_one_letter_code
_entity_poly.pdbx_strand_id
1 'polypeptide(L)'
;AVTQSPRNKVAVTGGKVTLSCQQTNNHNNMYWYRQDTGHGLRLIHYSYGAGSTEKGDIPDGYKASRPSQEQFSLILELAT
PSQTSVYFCASGGGRGSYAEQFFGPGTRLTVLEDLRQVTPPKVSLFEPSKAEIANKQKATLVCLARGFFPDHVELSWWVN
GKEVHSGVSTDPQAYKESNYSYCLSSRLRVSATFWHNPRNHFRCQVQFHGLSEEDKWPEGSPKPVTQNISAEAWGR
;
A,C
2 'polypeptide(L)'
;QQDPDPSQLHRSSLVKNLQNIYFLYEGDPVTHENVKSVDQLLSHDLIYNVSGPNYDKLKTELKNQEMATLFKDKNVDIYG
VEYYHLCYLSENAERSACIYGGVTNHEGNHLEIPKKIVVKVSIDGIQSLSFDIETNKKMVTAQELDYKVRKYLTDNKQLY
TNGPSKYETGYIKFIPKNKESFWFDFFPEPEFTQSKYLMIYKDNETLDSNTSQIEVYLTTK
;
B,D
#
loop_
_chem_comp.id
_chem_comp.type
_chem_comp.name
_chem_comp.formula
GOL non-polymer GLYCEROL 'C3 H8 O3'
ZN non-polymer 'ZINC ION' 'Zn 2'
#
# COMPACT_ATOMS: atom_id res chain seq x y z
N ALA A 1 -7.57 -7.97 -12.22
CA ALA A 1 -6.14 -8.31 -11.94
C ALA A 1 -5.19 -7.22 -12.42
N VAL A 2 -3.99 -7.21 -11.85
CA VAL A 2 -2.96 -6.24 -12.22
C VAL A 2 -1.67 -7.00 -12.46
N THR A 3 -1.07 -6.79 -13.63
CA THR A 3 0.18 -7.47 -13.95
C THR A 3 1.23 -6.43 -14.31
N GLN A 4 2.50 -6.82 -14.21
CA GLN A 4 3.60 -5.91 -14.53
C GLN A 4 4.58 -6.64 -15.40
N SER A 5 5.21 -5.90 -16.31
CA SER A 5 6.17 -6.46 -17.22
C SER A 5 7.21 -5.40 -17.56
N PRO A 6 8.51 -5.73 -17.45
CA PRO A 6 8.99 -7.04 -17.04
C PRO A 6 8.92 -7.14 -15.52
N ARG A 7 9.04 -8.35 -14.99
CA ARG A 7 9.03 -8.58 -13.55
C ARG A 7 10.45 -8.43 -12.99
N ASN A 8 11.44 -8.65 -13.85
CA ASN A 8 12.84 -8.54 -13.46
C ASN A 8 13.61 -7.82 -14.57
N LYS A 9 14.52 -6.93 -14.18
CA LYS A 9 15.27 -6.18 -15.16
C LYS A 9 16.57 -5.62 -14.63
N VAL A 10 17.65 -5.88 -15.36
CA VAL A 10 18.95 -5.33 -15.04
C VAL A 10 19.23 -4.40 -16.20
N ALA A 11 19.61 -3.17 -15.89
CA ALA A 11 19.89 -2.17 -16.92
C ALA A 11 21.20 -1.47 -16.63
N VAL A 12 21.80 -0.88 -17.66
CA VAL A 12 23.06 -0.16 -17.51
C VAL A 12 22.80 1.33 -17.37
N THR A 13 23.62 2.00 -16.56
CA THR A 13 23.49 3.44 -16.37
C THR A 13 23.41 4.13 -17.72
N GLY A 14 22.49 5.10 -17.83
CA GLY A 14 22.34 5.83 -19.08
C GLY A 14 21.44 5.14 -20.08
N GLY A 15 20.98 3.94 -19.75
CA GLY A 15 20.09 3.23 -20.65
C GLY A 15 18.64 3.66 -20.46
N LYS A 16 17.77 3.22 -21.36
CA LYS A 16 16.36 3.54 -21.29
C LYS A 16 15.60 2.31 -20.79
N VAL A 17 14.65 2.52 -19.89
CA VAL A 17 13.87 1.41 -19.34
C VAL A 17 12.38 1.70 -19.32
N THR A 18 11.59 0.69 -19.64
CA THR A 18 10.14 0.86 -19.62
C THR A 18 9.42 -0.25 -18.84
N LEU A 19 8.71 0.16 -17.79
CA LEU A 19 7.94 -0.77 -16.98
C LEU A 19 6.50 -0.61 -17.42
N SER A 20 5.84 -1.73 -17.73
CA SER A 20 4.45 -1.67 -18.18
C SER A 20 3.49 -2.32 -17.20
N CYS A 21 2.38 -1.65 -16.96
CA CYS A 21 1.37 -2.14 -16.06
C CYS A 21 0.08 -2.42 -16.81
N GLN A 22 -0.52 -3.57 -16.56
CA GLN A 22 -1.78 -3.93 -17.21
C GLN A 22 -2.80 -4.32 -16.15
N GLN A 23 -4.02 -3.84 -16.32
CA GLN A 23 -5.09 -4.14 -15.37
C GLN A 23 -6.32 -4.64 -16.12
N THR A 24 -7.18 -5.39 -15.42
CA THR A 24 -8.42 -5.89 -16.01
C THR A 24 -9.59 -5.52 -15.10
N ASN A 25 -9.34 -4.63 -14.15
CA ASN A 25 -10.38 -4.19 -13.21
C ASN A 25 -11.21 -3.05 -13.77
N ASN A 26 -10.77 -2.51 -14.90
CA ASN A 26 -11.46 -1.38 -15.53
C ASN A 26 -11.56 -0.19 -14.60
N HIS A 27 -10.50 0.03 -13.82
CA HIS A 27 -10.43 1.16 -12.89
C HIS A 27 -9.91 2.40 -13.62
N ASN A 28 -10.47 3.56 -13.30
CA ASN A 28 -10.05 4.81 -13.91
C ASN A 28 -8.66 5.26 -13.44
N ASN A 29 -8.33 4.93 -12.19
CA ASN A 29 -7.05 5.33 -11.60
C ASN A 29 -5.97 4.26 -11.64
N MET A 30 -4.75 4.67 -11.98
CA MET A 30 -3.62 3.73 -11.99
C MET A 30 -2.45 4.42 -11.33
N TYR A 31 -1.57 3.64 -10.68
CA TYR A 31 -0.44 4.19 -9.96
C TYR A 31 0.86 3.43 -10.14
N TRP A 32 1.97 4.16 -10.02
CA TRP A 32 3.31 3.56 -10.07
C TRP A 32 4.07 4.00 -8.81
N TYR A 33 4.49 3.02 -8.00
CA TYR A 33 5.23 3.30 -6.77
C TYR A 33 6.57 2.61 -6.80
N ARG A 34 7.43 2.95 -5.85
CA ARG A 34 8.71 2.29 -5.69
C ARG A 34 8.90 2.06 -4.18
N GLN A 35 9.59 1.00 -3.82
CA GLN A 35 9.82 0.67 -2.42
C GLN A 35 11.29 0.34 -2.23
N ASP A 36 11.89 0.92 -1.19
CA ASP A 36 13.30 0.69 -0.93
C ASP A 36 13.50 0.20 0.49
N THR A 37 14.27 -0.88 0.62
CA THR A 37 14.57 -1.49 1.91
C THR A 37 14.58 -0.51 3.08
N GLY A 38 13.80 -0.81 4.11
CA GLY A 38 13.74 0.04 5.28
C GLY A 38 13.01 1.35 5.03
N HIS A 39 12.89 1.75 3.77
CA HIS A 39 12.20 2.99 3.42
C HIS A 39 10.77 2.68 2.95
N GLY A 40 9.95 3.71 2.82
CA GLY A 40 8.58 3.46 2.45
C GLY A 40 8.18 3.24 1.00
N LEU A 41 6.87 3.13 0.81
CA LEU A 41 6.26 2.95 -0.49
C LEU A 41 6.00 4.38 -0.96
N ARG A 42 6.67 4.80 -2.02
CA ARG A 42 6.50 6.15 -2.49
C ARG A 42 5.89 6.25 -3.89
N LEU A 43 4.96 7.17 -4.03
CA LEU A 43 4.27 7.41 -5.30
C LEU A 43 5.09 8.27 -6.26
N ILE A 44 5.31 7.72 -7.45
CA ILE A 44 6.08 8.39 -8.50
C ILE A 44 5.15 9.16 -9.45
N HIS A 45 4.23 8.42 -10.08
CA HIS A 45 3.26 9.01 -11.00
C HIS A 45 1.95 8.27 -10.85
N TYR A 46 0.85 8.91 -11.23
CA TYR A 46 -0.46 8.26 -11.18
C TYR A 46 -1.29 8.86 -12.31
N SER A 47 -2.47 8.28 -12.55
CA SER A 47 -3.32 8.74 -13.63
C SER A 47 -4.80 8.64 -13.29
N TYR A 48 -5.56 9.68 -13.60
CA TYR A 48 -7.01 9.66 -13.34
C TYR A 48 -7.76 9.08 -14.52
N GLY A 49 -7.06 8.73 -15.60
CA GLY A 49 -7.72 8.18 -16.75
C GLY A 49 -6.90 8.23 -18.03
N ALA A 50 -7.38 7.52 -19.04
CA ALA A 50 -6.70 7.45 -20.32
C ALA A 50 -6.31 8.83 -20.86
N GLY A 51 -5.11 8.89 -21.44
CA GLY A 51 -4.63 10.12 -22.03
C GLY A 51 -4.14 11.18 -21.08
N SER A 52 -3.85 10.81 -19.84
CA SER A 52 -3.36 11.79 -18.88
C SER A 52 -2.64 11.11 -17.74
N THR A 53 -1.73 11.85 -17.10
CA THR A 53 -0.97 11.33 -15.98
C THR A 53 -0.73 12.49 -15.04
N GLU A 54 -0.43 12.19 -13.79
CA GLU A 54 -0.19 13.22 -12.81
C GLU A 54 1.13 12.94 -12.09
N LYS A 55 1.87 14.00 -11.78
CA LYS A 55 3.13 13.84 -11.06
C LYS A 55 2.82 13.44 -9.63
N GLY A 56 3.53 12.43 -9.13
CA GLY A 56 3.35 11.97 -7.76
C GLY A 56 4.21 12.77 -6.78
N ASP A 57 4.73 12.12 -5.74
CA ASP A 57 5.56 12.80 -4.75
C ASP A 57 7.05 12.85 -5.15
N ILE A 58 7.52 11.83 -5.86
CA ILE A 58 8.92 11.77 -6.30
C ILE A 58 9.00 11.47 -7.78
N PRO A 59 8.53 12.40 -8.62
CA PRO A 59 8.54 12.26 -10.08
C PRO A 59 9.88 12.44 -10.81
N ASP A 60 10.80 13.18 -10.21
CA ASP A 60 12.09 13.41 -10.87
C ASP A 60 12.79 12.14 -11.37
N GLY A 61 13.13 12.15 -12.67
CA GLY A 61 13.80 11.02 -13.29
C GLY A 61 12.90 10.03 -14.01
N TYR A 62 11.59 10.22 -13.90
CA TYR A 62 10.61 9.32 -14.51
C TYR A 62 9.56 10.03 -15.34
N LYS A 63 9.10 9.38 -16.40
CA LYS A 63 8.01 9.92 -17.20
C LYS A 63 6.94 8.84 -17.13
N ALA A 64 5.70 9.19 -17.47
CA ALA A 64 4.63 8.22 -17.42
C ALA A 64 3.69 8.43 -18.58
N SER A 65 3.00 7.37 -18.98
CA SER A 65 2.02 7.46 -20.05
C SER A 65 0.86 6.49 -19.81
N ARG A 66 -0.33 6.94 -20.17
CA ARG A 66 -1.57 6.20 -20.00
C ARG A 66 -2.24 6.10 -21.37
N PRO A 67 -1.69 5.27 -22.28
CA PRO A 67 -2.24 5.09 -23.63
C PRO A 67 -3.68 4.61 -23.66
N SER A 68 -4.14 4.00 -22.57
CA SER A 68 -5.52 3.51 -22.50
C SER A 68 -5.90 3.29 -21.05
N GLN A 69 -7.14 2.83 -20.86
CA GLN A 69 -7.68 2.56 -19.52
C GLN A 69 -6.91 1.41 -18.88
N GLU A 70 -6.60 0.39 -19.67
CA GLU A 70 -5.90 -0.80 -19.20
C GLU A 70 -4.43 -0.69 -18.90
N GLN A 71 -3.72 0.16 -19.65
CA GLN A 71 -2.27 0.28 -19.45
C GLN A 71 -1.74 1.56 -18.84
N PHE A 72 -0.65 1.44 -18.11
CA PHE A 72 0.00 2.59 -17.48
C PHE A 72 1.50 2.28 -17.43
N SER A 73 2.29 3.06 -18.16
CA SER A 73 3.71 2.81 -18.23
C SER A 73 4.58 3.84 -17.52
N LEU A 74 5.71 3.35 -16.98
CA LEU A 74 6.67 4.19 -16.29
C LEU A 74 7.94 4.14 -17.13
N ILE A 75 8.37 5.29 -17.63
CA ILE A 75 9.55 5.36 -18.48
C ILE A 75 10.75 6.04 -17.78
N LEU A 76 11.92 5.43 -17.93
CA LEU A 76 13.16 5.96 -17.37
C LEU A 76 14.06 6.23 -18.57
N GLU A 77 14.13 7.49 -19.00
CA GLU A 77 14.94 7.87 -20.15
C GLU A 77 16.43 7.65 -19.94
N LEU A 78 16.92 7.97 -18.75
CA LEU A 78 18.34 7.83 -18.44
C LEU A 78 18.54 7.14 -17.09
N ALA A 79 18.44 5.82 -17.08
CA ALA A 79 18.58 5.07 -15.86
C ALA A 79 19.82 5.44 -15.06
N THR A 80 19.65 5.52 -13.75
CA THR A 80 20.74 5.82 -12.84
C THR A 80 20.67 4.78 -11.73
N PRO A 81 21.81 4.46 -11.10
CA PRO A 81 21.84 3.49 -10.00
C PRO A 81 20.83 3.77 -8.90
N SER A 82 20.56 5.05 -8.67
CA SER A 82 19.61 5.47 -7.64
C SER A 82 18.20 4.99 -7.95
N GLN A 83 17.95 4.60 -9.19
CA GLN A 83 16.63 4.11 -9.55
C GLN A 83 16.50 2.61 -9.31
N THR A 84 17.54 2.01 -8.75
CA THR A 84 17.51 0.58 -8.43
C THR A 84 16.50 0.50 -7.30
N SER A 85 15.52 -0.39 -7.42
CA SER A 85 14.48 -0.49 -6.40
C SER A 85 13.45 -1.54 -6.82
N VAL A 86 12.38 -1.67 -6.03
CA VAL A 86 11.32 -2.60 -6.40
C VAL A 86 10.12 -1.72 -6.73
N TYR A 87 9.64 -1.81 -7.96
CA TYR A 87 8.53 -0.99 -8.42
C TYR A 87 7.19 -1.71 -8.34
N PHE A 88 6.18 -1.01 -7.85
CA PHE A 88 4.84 -1.58 -7.71
C PHE A 88 3.81 -0.79 -8.47
N CYS A 89 2.97 -1.51 -9.18
CA CYS A 89 1.88 -0.88 -9.91
C CYS A 89 0.58 -1.17 -9.17
N ALA A 90 -0.43 -0.35 -9.42
CA ALA A 90 -1.73 -0.54 -8.79
C ALA A 90 -2.83 0.17 -9.54
N SER A 91 -4.03 -0.39 -9.44
CA SER A 91 -5.19 0.21 -10.07
C SER A 91 -6.07 0.60 -8.89
N GLY A 92 -6.92 1.59 -9.08
CA GLY A 92 -7.78 1.99 -7.98
C GLY A 92 -9.17 2.44 -8.40
N GLY A 93 -10.17 1.90 -7.71
CA GLY A 93 -11.55 2.28 -8.00
C GLY A 93 -11.91 3.45 -7.10
N GLY A 94 -13.11 3.98 -7.26
CA GLY A 94 -13.55 5.10 -6.45
C GLY A 94 -12.59 6.28 -6.45
N ARG A 95 -12.26 6.75 -5.25
CA ARG A 95 -11.34 7.88 -5.07
C ARG A 95 -9.87 7.45 -5.13
N GLY A 96 -9.61 6.16 -5.00
CA GLY A 96 -8.24 5.70 -5.06
C GLY A 96 -7.47 5.65 -3.75
N SER A 97 -8.16 5.42 -2.64
CA SER A 97 -7.47 5.31 -1.35
C SER A 97 -6.88 3.90 -1.33
N TYR A 98 -6.06 3.57 -0.33
CA TYR A 98 -5.46 2.23 -0.32
C TYR A 98 -6.48 1.09 -0.28
N ALA A 99 -7.55 1.28 0.49
CA ALA A 99 -8.60 0.28 0.63
C ALA A 99 -9.30 0.00 -0.71
N GLU A 100 -9.10 0.89 -1.68
CA GLU A 100 -9.71 0.72 -2.99
C GLU A 100 -8.67 0.40 -4.05
N GLN A 101 -7.44 0.17 -3.63
CA GLN A 101 -6.39 -0.12 -4.59
C GLN A 101 -6.06 -1.60 -4.69
N PHE A 102 -5.47 -1.97 -5.83
CA PHE A 102 -5.09 -3.34 -6.10
C PHE A 102 -3.71 -3.31 -6.73
N PHE A 103 -2.73 -3.84 -6.01
CA PHE A 103 -1.36 -3.85 -6.45
C PHE A 103 -0.93 -4.97 -7.39
N GLY A 104 0.14 -4.68 -8.14
CA GLY A 104 0.73 -5.64 -9.05
C GLY A 104 1.70 -6.48 -8.25
N PRO A 105 2.33 -7.49 -8.86
CA PRO A 105 3.28 -8.36 -8.17
C PRO A 105 4.60 -7.71 -7.84
N GLY A 106 4.91 -6.62 -8.54
CA GLY A 106 6.16 -5.93 -8.30
C GLY A 106 7.21 -6.25 -9.33
N THR A 107 8.16 -5.35 -9.52
CA THR A 107 9.24 -5.53 -10.47
C THR A 107 10.55 -5.15 -9.83
N ARG A 108 11.56 -5.99 -10.00
CA ARG A 108 12.87 -5.71 -9.43
C ARG A 108 13.73 -5.10 -10.54
N LEU A 109 14.15 -3.86 -10.34
CA LEU A 109 15.00 -3.19 -11.31
C LEU A 109 16.32 -2.84 -10.66
N THR A 110 17.40 -3.21 -11.31
CA THR A 110 18.71 -2.90 -10.79
C THR A 110 19.49 -2.22 -11.89
N VAL A 111 20.06 -1.06 -11.56
CA VAL A 111 20.84 -0.31 -12.53
C VAL A 111 22.30 -0.24 -12.11
N LEU A 112 23.19 -0.76 -12.94
CA LEU A 112 24.62 -0.75 -12.61
C LEU A 112 25.47 -0.15 -13.73
N GLU A 113 26.74 0.14 -13.45
CA GLU A 113 27.65 0.76 -14.42
C GLU A 113 27.83 -0.09 -15.67
N ASP A 114 27.82 -1.42 -15.50
CA ASP A 114 27.97 -2.36 -16.61
C ASP A 114 27.46 -3.75 -16.22
N LEU A 115 27.08 -4.55 -17.21
CA LEU A 115 26.54 -5.88 -16.97
C LEU A 115 27.55 -6.99 -16.71
N ARG A 116 28.85 -6.70 -16.83
CA ARG A 116 29.86 -7.73 -16.63
C ARG A 116 29.93 -8.25 -15.20
N GLN A 117 29.07 -7.70 -14.34
CA GLN A 117 29.04 -8.10 -12.94
C GLN A 117 28.00 -9.20 -12.66
N VAL A 118 26.96 -9.27 -13.49
CA VAL A 118 25.90 -10.26 -13.34
C VAL A 118 26.44 -11.68 -13.29
N THR A 119 26.06 -12.43 -12.25
CA THR A 119 26.51 -13.81 -12.07
C THR A 119 25.46 -14.77 -11.51
N PRO A 120 25.30 -15.93 -12.16
CA PRO A 120 24.32 -16.93 -11.71
C PRO A 120 24.73 -17.43 -10.32
N PRO A 121 23.81 -18.07 -9.59
CA PRO A 121 24.12 -18.56 -8.25
C PRO A 121 24.76 -19.93 -8.09
N LYS A 122 25.26 -20.17 -6.88
CA LYS A 122 25.85 -21.44 -6.49
C LYS A 122 24.81 -22.00 -5.51
N VAL A 123 24.32 -23.19 -5.80
CA VAL A 123 23.31 -23.83 -4.96
C VAL A 123 23.82 -25.14 -4.37
N SER A 124 23.57 -25.33 -3.08
CA SER A 124 24.00 -26.53 -2.37
C SER A 124 22.92 -27.01 -1.39
N LEU A 125 22.82 -28.33 -1.22
CA LEU A 125 21.86 -28.94 -0.30
C LEU A 125 22.65 -29.60 0.82
N PHE A 126 22.18 -29.47 2.05
CA PHE A 126 22.87 -30.06 3.19
C PHE A 126 21.98 -30.96 4.04
N GLU A 127 22.46 -32.18 4.30
CA GLU A 127 21.73 -33.15 5.10
C GLU A 127 21.62 -32.70 6.56
N PRO A 128 20.54 -33.13 7.25
CA PRO A 128 20.29 -32.78 8.65
C PRO A 128 21.45 -33.18 9.56
N SER A 129 21.64 -32.42 10.65
CA SER A 129 22.72 -32.69 11.60
C SER A 129 22.67 -34.12 12.12
N LYS A 130 23.85 -34.75 12.20
CA LYS A 130 23.96 -36.12 12.68
C LYS A 130 23.17 -36.30 13.98
N ALA A 131 23.46 -35.47 14.96
CA ALA A 131 22.78 -35.53 16.25
C ALA A 131 21.30 -35.15 16.14
N GLU A 132 21.03 -34.04 15.47
CA GLU A 132 19.66 -33.56 15.29
C GLU A 132 18.68 -34.68 14.95
N ILE A 133 19.13 -35.63 14.13
CA ILE A 133 18.28 -36.75 13.73
C ILE A 133 17.78 -37.55 14.94
N ALA A 134 18.72 -38.07 15.72
CA ALA A 134 18.42 -38.89 16.91
C ALA A 134 17.39 -38.31 17.89
N ASN A 135 17.87 -37.53 18.85
CA ASN A 135 16.99 -36.94 19.87
C ASN A 135 16.30 -35.67 19.40
N LYS A 136 16.04 -35.58 18.10
CA LYS A 136 15.38 -34.41 17.52
C LYS A 136 14.01 -34.75 16.96
N GLN A 137 13.84 -36.01 16.51
CA GLN A 137 12.58 -36.47 15.94
C GLN A 137 12.22 -35.66 14.69
N LYS A 138 12.98 -34.60 14.48
CA LYS A 138 12.80 -33.70 13.35
C LYS A 138 14.07 -33.60 12.52
N ALA A 139 13.93 -33.68 11.21
CA ALA A 139 15.05 -33.58 10.29
C ALA A 139 14.95 -32.24 9.56
N THR A 140 16.03 -31.48 9.56
CA THR A 140 16.03 -30.18 8.92
C THR A 140 17.08 -30.05 7.81
N LEU A 141 16.59 -29.76 6.60
CA LEU A 141 17.45 -29.60 5.44
C LEU A 141 17.74 -28.12 5.22
N VAL A 142 18.99 -27.79 4.94
CA VAL A 142 19.37 -26.41 4.71
C VAL A 142 19.82 -26.18 3.27
N CYS A 143 19.16 -25.27 2.58
CA CYS A 143 19.51 -24.96 1.19
C CYS A 143 20.22 -23.62 1.14
N LEU A 144 21.35 -23.58 0.45
CA LEU A 144 22.14 -22.36 0.37
C LEU A 144 22.49 -21.96 -1.05
N ALA A 145 22.20 -20.71 -1.38
CA ALA A 145 22.50 -20.15 -2.69
C ALA A 145 23.40 -18.96 -2.43
N ARG A 146 24.51 -18.86 -3.16
CA ARG A 146 25.42 -17.75 -2.95
C ARG A 146 26.23 -17.42 -4.20
N GLY A 147 26.96 -16.32 -4.14
CA GLY A 147 27.79 -15.90 -5.24
C GLY A 147 27.01 -15.42 -6.45
N PHE A 148 25.80 -14.93 -6.24
CA PHE A 148 25.00 -14.45 -7.35
C PHE A 148 24.83 -12.92 -7.32
N PHE A 149 24.60 -12.32 -8.48
CA PHE A 149 24.43 -10.88 -8.60
C PHE A 149 23.79 -10.52 -9.93
N PRO A 150 22.77 -9.65 -9.93
CA PRO A 150 22.15 -9.01 -8.76
C PRO A 150 21.31 -10.00 -7.95
N ASP A 151 20.39 -9.50 -7.14
CA ASP A 151 19.58 -10.37 -6.28
C ASP A 151 18.16 -10.71 -6.73
N HIS A 152 17.97 -11.02 -8.00
CA HIS A 152 16.65 -11.38 -8.51
C HIS A 152 16.51 -12.89 -8.50
N VAL A 153 16.25 -13.47 -7.33
CA VAL A 153 16.11 -14.92 -7.22
C VAL A 153 14.88 -15.37 -6.46
N GLU A 154 14.49 -16.62 -6.69
CA GLU A 154 13.36 -17.24 -6.03
C GLU A 154 13.81 -18.62 -5.61
N LEU A 155 13.52 -19.00 -4.37
CA LEU A 155 13.92 -20.29 -3.84
C LEU A 155 12.69 -21.04 -3.34
N SER A 156 12.49 -22.26 -3.83
CA SER A 156 11.36 -23.07 -3.41
C SER A 156 11.80 -24.49 -3.07
N TRP A 157 10.90 -25.24 -2.42
CA TRP A 157 11.19 -26.61 -2.03
C TRP A 157 10.21 -27.56 -2.65
N TRP A 158 10.69 -28.74 -3.05
CA TRP A 158 9.84 -29.75 -3.66
C TRP A 158 10.12 -31.12 -3.10
N VAL A 159 9.14 -31.69 -2.39
CA VAL A 159 9.30 -33.02 -1.84
C VAL A 159 8.44 -33.97 -2.67
N ASN A 160 9.08 -35.00 -3.21
CA ASN A 160 8.40 -35.99 -4.04
C ASN A 160 7.73 -35.37 -5.27
N GLY A 161 8.26 -34.24 -5.70
CA GLY A 161 7.72 -33.59 -6.89
C GLY A 161 6.60 -32.58 -6.67
N LYS A 162 6.17 -32.41 -5.44
CA LYS A 162 5.11 -31.47 -5.15
C LYS A 162 5.68 -30.32 -4.31
N GLU A 163 5.45 -29.09 -4.77
CA GLU A 163 5.96 -27.92 -4.05
C GLU A 163 5.39 -27.88 -2.64
N VAL A 164 6.23 -27.48 -1.69
CA VAL A 164 5.83 -27.42 -0.29
C VAL A 164 6.23 -26.11 0.38
N HIS A 165 5.34 -25.57 1.21
CA HIS A 165 5.67 -24.35 1.94
C HIS A 165 5.65 -24.63 3.43
N SER A 166 5.07 -25.77 3.79
CA SER A 166 4.98 -26.19 5.18
C SER A 166 6.33 -26.69 5.71
N GLY A 167 6.80 -26.09 6.79
CA GLY A 167 8.07 -26.49 7.37
C GLY A 167 9.23 -25.70 6.78
N VAL A 168 8.91 -24.84 5.82
CA VAL A 168 9.92 -24.03 5.16
C VAL A 168 10.21 -22.77 5.94
N SER A 169 11.45 -22.33 5.89
CA SER A 169 11.86 -21.12 6.58
C SER A 169 12.96 -20.46 5.76
N THR A 170 12.56 -19.53 4.88
CA THR A 170 13.51 -18.85 4.02
C THR A 170 13.81 -17.42 4.46
N ASP A 171 15.07 -17.02 4.32
CA ASP A 171 15.47 -15.66 4.70
C ASP A 171 14.52 -14.71 3.97
N PRO A 172 14.02 -13.69 4.69
CA PRO A 172 13.09 -12.72 4.09
C PRO A 172 13.66 -12.03 2.86
N GLN A 173 14.96 -11.76 2.87
CA GLN A 173 15.62 -11.11 1.73
C GLN A 173 17.06 -11.56 1.57
N ALA A 174 17.52 -11.58 0.33
CA ALA A 174 18.89 -11.97 0.04
C ALA A 174 19.82 -10.99 0.76
N TYR A 175 20.82 -11.53 1.46
CA TYR A 175 21.75 -10.66 2.15
C TYR A 175 23.06 -10.59 1.38
N LYS A 176 23.61 -9.38 1.30
CA LYS A 176 24.85 -9.15 0.56
C LYS A 176 26.07 -9.67 1.31
N GLU A 177 26.96 -10.34 0.57
CA GLU A 177 28.18 -10.89 1.15
C GLU A 177 29.34 -9.96 0.84
N SER A 178 29.57 -9.73 -0.45
CA SER A 178 30.65 -8.85 -0.88
C SER A 178 29.95 -7.71 -1.62
N ASN A 179 30.73 -6.87 -2.30
CA ASN A 179 30.13 -5.76 -3.01
C ASN A 179 29.28 -6.23 -4.18
N TYR A 180 29.69 -7.32 -4.82
CA TYR A 180 28.96 -7.86 -5.95
C TYR A 180 28.55 -9.32 -5.75
N SER A 181 28.08 -9.64 -4.55
CA SER A 181 27.67 -11.01 -4.28
C SER A 181 26.60 -11.12 -3.20
N TYR A 182 25.53 -11.86 -3.50
CA TYR A 182 24.46 -12.05 -2.55
C TYR A 182 24.41 -13.49 -2.06
N CYS A 183 23.74 -13.67 -0.93
CA CYS A 183 23.60 -14.97 -0.30
C CYS A 183 22.13 -15.14 0.11
N LEU A 184 21.63 -16.36 0.04
CA LEU A 184 20.25 -16.63 0.42
C LEU A 184 20.13 -18.05 0.91
N SER A 185 19.59 -18.23 2.11
CA SER A 185 19.44 -19.56 2.69
C SER A 185 17.99 -19.89 3.04
N SER A 186 17.70 -21.17 3.19
CA SER A 186 16.37 -21.63 3.52
C SER A 186 16.46 -22.94 4.31
N ARG A 187 15.38 -23.32 4.99
CA ARG A 187 15.37 -24.55 5.76
C ARG A 187 14.05 -25.29 5.58
N LEU A 188 14.12 -26.62 5.52
CA LEU A 188 12.93 -27.45 5.36
C LEU A 188 12.97 -28.51 6.45
N ARG A 189 12.02 -28.46 7.38
CA ARG A 189 11.95 -29.44 8.46
C ARG A 189 10.92 -30.52 8.19
N VAL A 190 11.30 -31.78 8.46
CA VAL A 190 10.41 -32.91 8.27
C VAL A 190 10.61 -33.89 9.43
N SER A 191 9.71 -34.85 9.57
CA SER A 191 9.84 -35.83 10.65
C SER A 191 11.05 -36.72 10.34
N ALA A 192 11.89 -36.96 11.34
CA ALA A 192 13.08 -37.78 11.15
C ALA A 192 12.72 -39.11 10.47
N THR A 193 11.47 -39.52 10.61
CA THR A 193 10.98 -40.75 10.01
C THR A 193 10.87 -40.54 8.51
N PHE A 194 10.39 -39.36 8.12
CA PHE A 194 10.22 -39.00 6.72
C PHE A 194 11.58 -38.88 6.03
N TRP A 195 12.54 -38.32 6.74
CA TRP A 195 13.88 -38.14 6.20
C TRP A 195 14.65 -39.45 6.09
N HIS A 196 14.13 -40.51 6.70
CA HIS A 196 14.82 -41.79 6.63
C HIS A 196 14.22 -42.75 5.61
N ASN A 197 13.15 -42.33 4.95
CA ASN A 197 12.51 -43.16 3.94
C ASN A 197 13.21 -42.92 2.58
N PRO A 198 13.94 -43.92 2.07
CA PRO A 198 14.66 -43.83 0.79
C PRO A 198 13.76 -43.54 -0.39
N ARG A 199 12.45 -43.61 -0.17
CA ARG A 199 11.48 -43.36 -1.22
C ARG A 199 11.17 -41.87 -1.39
N ASN A 200 11.47 -41.07 -0.35
CA ASN A 200 11.23 -39.63 -0.38
C ASN A 200 12.33 -38.84 -1.11
N HIS A 201 11.91 -38.00 -2.04
CA HIS A 201 12.84 -37.17 -2.81
C HIS A 201 12.79 -35.74 -2.32
N PHE A 202 13.97 -35.15 -2.12
CA PHE A 202 14.07 -33.77 -1.66
C PHE A 202 14.73 -32.94 -2.74
N ARG A 203 14.17 -31.78 -3.02
CA ARG A 203 14.69 -30.90 -4.07
C ARG A 203 14.62 -29.43 -3.72
N CYS A 204 15.74 -28.73 -3.85
CA CYS A 204 15.77 -27.30 -3.59
C CYS A 204 15.93 -26.61 -4.93
N GLN A 205 14.89 -25.88 -5.34
CA GLN A 205 14.88 -25.19 -6.63
C GLN A 205 15.14 -23.68 -6.51
N VAL A 206 16.06 -23.19 -7.33
CA VAL A 206 16.40 -21.79 -7.32
C VAL A 206 16.32 -21.20 -8.72
N GLN A 207 15.69 -20.05 -8.83
CA GLN A 207 15.59 -19.41 -10.13
C GLN A 207 16.30 -18.07 -10.08
N PHE A 208 17.19 -17.85 -11.04
CA PHE A 208 17.97 -16.63 -11.11
C PHE A 208 17.67 -15.89 -12.40
N HIS A 209 17.35 -14.61 -12.30
CA HIS A 209 17.08 -13.81 -13.48
C HIS A 209 18.29 -12.92 -13.73
N GLY A 210 18.89 -13.09 -14.89
CA GLY A 210 20.07 -12.29 -15.21
C GLY A 210 19.81 -11.33 -16.36
N LEU A 211 20.53 -11.54 -17.45
CA LEU A 211 20.36 -10.69 -18.63
C LEU A 211 19.31 -11.29 -19.55
N SER A 212 18.81 -10.48 -20.47
CA SER A 212 17.79 -10.91 -21.41
C SER A 212 18.30 -10.87 -22.86
N GLU A 213 17.58 -11.52 -23.77
CA GLU A 213 17.96 -11.53 -25.17
C GLU A 213 18.21 -10.11 -25.68
N GLU A 214 17.30 -9.20 -25.33
CA GLU A 214 17.43 -7.80 -25.75
C GLU A 214 18.78 -7.21 -25.37
N ASP A 215 19.37 -7.73 -24.30
CA ASP A 215 20.67 -7.24 -23.84
C ASP A 215 21.79 -7.77 -24.73
N LYS A 216 22.84 -6.96 -24.87
CA LYS A 216 24.00 -7.33 -25.67
C LYS A 216 25.17 -7.62 -24.75
N TRP A 217 25.67 -8.84 -24.80
CA TRP A 217 26.78 -9.25 -23.95
C TRP A 217 28.05 -9.45 -24.78
N PRO A 218 29.17 -8.85 -24.35
CA PRO A 218 30.48 -8.93 -25.02
C PRO A 218 30.82 -10.35 -25.49
N GLU A 219 30.66 -10.59 -26.79
CA GLU A 219 30.94 -11.89 -27.41
C GLU A 219 32.26 -12.51 -26.98
N GLY A 220 32.26 -13.84 -26.85
CA GLY A 220 33.45 -14.55 -26.43
C GLY A 220 33.23 -15.14 -25.05
N SER A 221 32.39 -14.48 -24.26
CA SER A 221 32.08 -14.94 -22.91
C SER A 221 30.63 -15.42 -22.84
N PRO A 222 30.39 -16.49 -22.07
CA PRO A 222 29.03 -17.03 -21.93
C PRO A 222 28.10 -16.01 -21.26
N LYS A 223 26.95 -15.79 -21.88
CA LYS A 223 25.98 -14.83 -21.38
C LYS A 223 25.19 -15.37 -20.19
N PRO A 224 25.28 -14.69 -19.03
CA PRO A 224 24.59 -15.05 -17.79
C PRO A 224 23.10 -14.72 -17.85
N VAL A 225 22.37 -15.50 -18.64
CA VAL A 225 20.94 -15.32 -18.79
C VAL A 225 20.23 -16.15 -17.73
N THR A 226 18.94 -15.89 -17.51
CA THR A 226 18.14 -16.62 -16.53
C THR A 226 18.57 -18.09 -16.37
N GLN A 227 18.46 -18.62 -15.15
CA GLN A 227 18.82 -20.01 -14.90
C GLN A 227 17.96 -20.68 -13.83
N ASN A 228 17.82 -22.00 -13.95
CA ASN A 228 17.04 -22.78 -13.00
C ASN A 228 17.87 -23.90 -12.43
N ILE A 229 18.57 -23.58 -11.34
CA ILE A 229 19.46 -24.50 -10.66
C ILE A 229 18.73 -25.24 -9.54
N SER A 230 19.05 -26.52 -9.37
CA SER A 230 18.40 -27.32 -8.33
C SER A 230 19.36 -28.30 -7.68
N ALA A 231 19.23 -28.44 -6.36
CA ALA A 231 20.04 -29.38 -5.60
C ALA A 231 19.06 -30.41 -5.06
N GLU A 232 19.41 -31.69 -5.18
CA GLU A 232 18.53 -32.74 -4.71
C GLU A 232 19.20 -33.77 -3.80
N ALA A 233 18.38 -34.60 -3.17
CA ALA A 233 18.86 -35.64 -2.27
C ALA A 233 17.73 -36.61 -1.94
N TRP A 234 18.08 -37.86 -1.68
CA TRP A 234 17.10 -38.89 -1.32
C TRP A 234 17.17 -39.14 0.18
N GLY A 235 16.14 -39.79 0.71
CA GLY A 235 16.11 -40.12 2.12
C GLY A 235 17.02 -41.29 2.41
N ARG A 236 17.86 -41.16 3.43
CA ARG A 236 18.78 -42.23 3.79
C ARG A 236 18.11 -43.27 4.68
N GLN B 1 -11.42 38.64 -30.72
CA GLN B 1 -10.11 38.44 -30.01
C GLN B 1 -9.08 39.50 -30.37
N GLN B 2 -8.88 40.46 -29.47
CA GLN B 2 -7.89 41.50 -29.68
C GLN B 2 -6.57 40.82 -29.32
N ASP B 3 -5.57 40.94 -30.18
CA ASP B 3 -4.28 40.32 -29.94
C ASP B 3 -3.84 40.37 -28.47
N PRO B 4 -3.02 39.40 -28.03
CA PRO B 4 -2.55 39.35 -26.65
C PRO B 4 -1.37 40.25 -26.31
N ASP B 5 -1.18 40.49 -25.01
CA ASP B 5 -0.07 41.28 -24.50
C ASP B 5 0.81 40.29 -23.73
N PRO B 6 2.12 40.53 -23.67
CA PRO B 6 3.01 39.60 -22.94
C PRO B 6 2.44 39.15 -21.60
N SER B 7 1.89 40.08 -20.86
CA SER B 7 1.31 39.79 -19.54
C SER B 7 0.00 39.01 -19.65
N GLN B 8 -0.54 38.90 -20.85
CA GLN B 8 -1.79 38.19 -21.06
C GLN B 8 -1.58 36.74 -21.50
N LEU B 9 -0.32 36.35 -21.66
CA LEU B 9 -0.02 34.98 -22.08
C LEU B 9 0.39 34.11 -20.92
N HIS B 10 -0.14 32.89 -20.89
CA HIS B 10 0.17 31.93 -19.83
C HIS B 10 1.59 31.42 -20.03
N ARG B 11 2.32 31.28 -18.93
CA ARG B 11 3.71 30.80 -19.00
C ARG B 11 3.75 29.30 -18.73
N SER B 12 4.45 28.56 -19.59
CA SER B 12 4.54 27.12 -19.48
C SER B 12 5.30 26.64 -18.24
N SER B 13 6.30 27.42 -17.84
CA SER B 13 7.11 27.08 -16.66
C SER B 13 6.28 27.07 -15.37
N LEU B 14 5.08 27.64 -15.42
CA LEU B 14 4.21 27.66 -14.25
C LEU B 14 3.24 26.49 -14.22
N VAL B 15 3.19 25.70 -15.29
CA VAL B 15 2.27 24.57 -15.36
C VAL B 15 2.88 23.29 -14.80
N LYS B 16 2.33 22.81 -13.70
CA LYS B 16 2.84 21.60 -13.05
C LYS B 16 2.76 20.33 -13.91
N ASN B 17 1.58 20.04 -14.45
CA ASN B 17 1.42 18.84 -15.28
C ASN B 17 1.24 19.14 -16.75
N LEU B 18 2.16 19.93 -17.31
CA LEU B 18 2.06 20.28 -18.72
C LEU B 18 2.05 19.08 -19.69
N GLN B 19 2.39 17.88 -19.21
CA GLN B 19 2.38 16.72 -20.10
C GLN B 19 0.96 16.42 -20.56
N ASN B 20 -0.03 16.82 -19.78
CA ASN B 20 -1.40 16.56 -20.19
C ASN B 20 -1.84 17.36 -21.42
N ILE B 21 -1.05 18.37 -21.80
CA ILE B 21 -1.37 19.15 -23.00
C ILE B 21 -0.70 18.40 -24.15
N TYR B 22 0.52 17.94 -23.89
CA TYR B 22 1.30 17.19 -24.87
C TYR B 22 0.54 15.97 -25.39
N PHE B 23 -0.10 15.24 -24.49
CA PHE B 23 -0.83 14.05 -24.91
C PHE B 23 -1.94 14.39 -25.90
N LEU B 24 -2.58 15.54 -25.69
CA LEU B 24 -3.67 15.96 -26.56
C LEU B 24 -3.23 16.24 -28.01
N TYR B 25 -2.09 16.89 -28.17
CA TYR B 25 -1.62 17.26 -29.51
C TYR B 25 -0.57 16.35 -30.14
N GLU B 26 -0.05 15.40 -29.39
CA GLU B 26 0.94 14.48 -29.95
C GLU B 26 0.19 13.26 -30.47
N GLY B 27 -0.87 12.88 -29.76
CA GLY B 27 -1.65 11.73 -30.17
C GLY B 27 -2.62 12.03 -31.30
N ASP B 28 -3.13 10.98 -31.95
CA ASP B 28 -4.05 11.13 -33.05
C ASP B 28 -5.34 11.80 -32.60
N PRO B 29 -5.93 12.63 -33.48
CA PRO B 29 -7.18 13.30 -33.11
C PRO B 29 -8.30 12.33 -33.46
N VAL B 30 -9.52 12.68 -33.10
CA VAL B 30 -10.64 11.83 -33.42
C VAL B 30 -11.25 12.39 -34.71
N THR B 31 -11.25 11.59 -35.79
CA THR B 31 -11.81 12.03 -37.06
C THR B 31 -12.86 11.06 -37.59
N HIS B 32 -14.00 11.59 -38.01
CA HIS B 32 -15.08 10.76 -38.53
C HIS B 32 -15.78 11.41 -39.74
N GLU B 33 -15.99 10.62 -40.78
CA GLU B 33 -16.62 11.10 -42.01
C GLU B 33 -18.09 10.68 -42.13
N ASN B 34 -18.91 11.63 -42.58
CA ASN B 34 -20.35 11.43 -42.75
C ASN B 34 -21.02 10.51 -41.73
N VAL B 35 -21.43 11.09 -40.61
CA VAL B 35 -22.11 10.35 -39.55
C VAL B 35 -23.17 11.28 -38.95
N LYS B 36 -24.13 10.71 -38.24
CA LYS B 36 -25.16 11.55 -37.65
C LYS B 36 -25.55 11.19 -36.23
N SER B 37 -25.86 12.23 -35.47
CA SER B 37 -26.26 12.12 -34.08
C SER B 37 -27.12 10.90 -33.80
N VAL B 38 -26.89 10.28 -32.65
CA VAL B 38 -27.64 9.09 -32.24
C VAL B 38 -28.34 9.34 -30.91
N ASP B 39 -27.73 10.17 -30.08
CA ASP B 39 -28.32 10.48 -28.78
C ASP B 39 -27.93 11.89 -28.35
N GLN B 40 -28.31 12.24 -27.13
CA GLN B 40 -27.99 13.56 -26.61
C GLN B 40 -28.17 13.55 -25.09
N LEU B 41 -27.25 14.21 -24.39
CA LEU B 41 -27.31 14.28 -22.93
C LEU B 41 -27.84 15.65 -22.52
N LEU B 42 -27.07 16.69 -22.79
CA LEU B 42 -27.49 18.04 -22.46
C LEU B 42 -27.94 18.73 -23.73
N SER B 43 -28.66 19.82 -23.56
CA SER B 43 -29.20 20.59 -24.67
C SER B 43 -28.18 21.02 -25.72
N HIS B 44 -26.93 21.26 -25.30
CA HIS B 44 -25.90 21.73 -26.22
C HIS B 44 -24.92 20.69 -26.75
N ASP B 45 -25.22 19.42 -26.58
CA ASP B 45 -24.30 18.39 -27.08
C ASP B 45 -24.95 17.34 -27.97
N LEU B 46 -24.11 16.53 -28.59
CA LEU B 46 -24.56 15.45 -29.48
C LEU B 46 -23.68 14.23 -29.25
N ILE B 47 -24.31 13.06 -29.23
CA ILE B 47 -23.57 11.82 -29.05
C ILE B 47 -23.59 11.02 -30.36
N TYR B 48 -22.46 10.41 -30.69
CA TYR B 48 -22.36 9.64 -31.92
C TYR B 48 -21.98 8.20 -31.65
N ASN B 49 -22.46 7.29 -32.50
CA ASN B 49 -22.13 5.88 -32.37
C ASN B 49 -20.90 5.60 -33.23
N VAL B 50 -19.79 6.26 -32.89
CA VAL B 50 -18.53 6.08 -33.59
C VAL B 50 -17.54 5.42 -32.66
N SER B 51 -16.42 4.93 -33.20
CA SER B 51 -15.46 4.23 -32.38
C SER B 51 -14.01 4.57 -32.66
N GLY B 52 -13.16 4.29 -31.68
CA GLY B 52 -11.74 4.54 -31.80
C GLY B 52 -11.05 3.60 -30.83
N PRO B 53 -9.72 3.58 -30.78
CA PRO B 53 -9.00 2.69 -29.86
C PRO B 53 -9.57 2.65 -28.45
N ASN B 54 -9.84 3.83 -27.88
CA ASN B 54 -10.33 3.90 -26.50
C ASN B 54 -11.81 4.23 -26.28
N TYR B 55 -12.65 4.12 -27.31
CA TYR B 55 -14.06 4.46 -27.12
C TYR B 55 -15.03 3.84 -28.11
N ASP B 56 -16.28 3.70 -27.67
CA ASP B 56 -17.35 3.13 -28.48
C ASP B 56 -18.41 4.20 -28.72
N LYS B 57 -18.28 5.32 -28.00
CA LYS B 57 -19.21 6.43 -28.13
C LYS B 57 -18.46 7.76 -27.98
N LEU B 58 -18.89 8.75 -28.76
CA LEU B 58 -18.27 10.06 -28.73
C LEU B 58 -19.29 11.15 -28.48
N LYS B 59 -18.97 12.05 -27.54
CA LYS B 59 -19.86 13.17 -27.22
C LYS B 59 -19.17 14.47 -27.60
N THR B 60 -19.93 15.43 -28.10
CA THR B 60 -19.37 16.71 -28.50
C THR B 60 -20.24 17.84 -27.97
N GLU B 61 -19.67 18.67 -27.09
CA GLU B 61 -20.42 19.80 -26.57
C GLU B 61 -20.19 20.96 -27.54
N LEU B 62 -21.29 21.48 -28.06
CA LEU B 62 -21.24 22.59 -29.02
C LEU B 62 -21.52 23.90 -28.31
N LYS B 63 -21.56 24.98 -29.08
CA LYS B 63 -21.79 26.30 -28.51
C LYS B 63 -23.06 26.47 -27.67
N ASN B 64 -24.17 25.90 -28.15
CA ASN B 64 -25.44 26.02 -27.43
C ASN B 64 -26.50 25.13 -28.07
N GLN B 65 -27.70 25.14 -27.49
CA GLN B 65 -28.82 24.35 -27.97
C GLN B 65 -29.16 24.61 -29.44
N GLU B 66 -29.13 25.88 -29.83
CA GLU B 66 -29.44 26.23 -31.20
C GLU B 66 -28.51 25.50 -32.16
N MET B 67 -27.22 25.55 -31.87
CA MET B 67 -26.24 24.90 -32.73
C MET B 67 -26.34 23.37 -32.63
N ALA B 68 -26.67 22.87 -31.44
CA ALA B 68 -26.80 21.43 -31.25
C ALA B 68 -27.93 20.90 -32.12
N THR B 69 -29.12 21.52 -32.00
CA THR B 69 -30.27 21.10 -32.78
C THR B 69 -30.08 21.36 -34.28
N LEU B 70 -29.09 22.19 -34.64
CA LEU B 70 -28.82 22.46 -36.04
C LEU B 70 -28.14 21.27 -36.70
N PHE B 71 -27.14 20.69 -36.03
CA PHE B 71 -26.42 19.55 -36.58
C PHE B 71 -27.04 18.22 -36.17
N LYS B 72 -27.96 18.26 -35.20
CA LYS B 72 -28.56 17.02 -34.71
C LYS B 72 -28.87 15.97 -35.76
N ASP B 73 -29.66 16.32 -36.77
CA ASP B 73 -30.01 15.33 -37.79
C ASP B 73 -29.27 15.37 -39.10
N LYS B 74 -28.25 16.19 -39.20
CA LYS B 74 -27.49 16.26 -40.44
C LYS B 74 -26.34 15.24 -40.45
N ASN B 75 -25.73 15.06 -41.61
CA ASN B 75 -24.62 14.15 -41.74
C ASN B 75 -23.37 15.01 -41.66
N VAL B 76 -22.63 14.84 -40.57
CA VAL B 76 -21.46 15.66 -40.33
C VAL B 76 -20.12 14.95 -40.37
N ASP B 77 -19.09 15.77 -40.41
CA ASP B 77 -17.71 15.33 -40.39
C ASP B 77 -17.22 15.79 -39.03
N ILE B 78 -16.53 14.91 -38.31
CA ILE B 78 -16.03 15.25 -36.99
C ILE B 78 -14.52 15.30 -36.99
N TYR B 79 -13.96 16.32 -36.34
CA TYR B 79 -12.51 16.45 -36.25
C TYR B 79 -12.16 17.19 -34.98
N GLY B 80 -11.85 16.45 -33.93
CA GLY B 80 -11.53 17.09 -32.67
C GLY B 80 -10.46 16.45 -31.81
N VAL B 81 -10.10 17.17 -30.75
CA VAL B 81 -9.09 16.71 -29.80
C VAL B 81 -9.88 16.22 -28.59
N GLU B 82 -9.86 14.90 -28.35
CA GLU B 82 -10.62 14.33 -27.25
C GLU B 82 -9.89 14.07 -25.93
N TYR B 83 -10.70 13.97 -24.87
CA TYR B 83 -10.21 13.67 -23.53
C TYR B 83 -11.08 12.54 -22.98
N TYR B 84 -10.59 11.83 -21.96
CA TYR B 84 -11.36 10.74 -21.38
C TYR B 84 -11.69 10.95 -19.91
N HIS B 85 -10.82 11.63 -19.18
CA HIS B 85 -11.07 11.88 -17.77
C HIS B 85 -12.21 12.86 -17.60
N LEU B 86 -13.21 12.49 -16.79
CA LEU B 86 -14.36 13.37 -16.56
C LEU B 86 -15.31 13.43 -17.75
N CYS B 87 -15.36 12.34 -18.53
CA CYS B 87 -16.25 12.30 -19.68
C CYS B 87 -17.45 11.41 -19.34
N TYR B 88 -18.39 11.96 -18.57
CA TYR B 88 -19.59 11.25 -18.17
C TYR B 88 -20.60 11.29 -19.31
N LEU B 89 -21.04 10.12 -19.76
CA LEU B 89 -21.99 10.04 -20.86
C LEU B 89 -23.30 9.39 -20.40
N SER B 90 -23.33 8.96 -19.14
CA SER B 90 -24.50 8.31 -18.58
C SER B 90 -24.28 8.03 -17.10
N GLU B 91 -25.00 7.03 -16.59
CA GLU B 91 -24.87 6.64 -15.19
C GLU B 91 -23.93 5.45 -15.09
N ASN B 92 -24.13 4.47 -15.98
CA ASN B 92 -23.29 3.27 -16.02
C ASN B 92 -23.14 2.80 -17.46
N ALA B 93 -21.90 2.63 -17.90
CA ALA B 93 -21.63 2.17 -19.27
C ALA B 93 -20.16 2.38 -19.64
N GLU B 94 -19.82 3.64 -19.90
CA GLU B 94 -18.49 4.12 -20.28
C GLU B 94 -17.86 3.67 -21.60
N ARG B 95 -16.55 3.90 -21.70
CA ARG B 95 -15.79 3.66 -22.92
C ARG B 95 -16.26 4.75 -23.86
N SER B 96 -16.23 5.97 -23.33
CA SER B 96 -16.65 7.14 -24.05
C SER B 96 -15.54 8.18 -24.19
N ALA B 97 -15.57 8.93 -25.28
CA ALA B 97 -14.57 9.97 -25.53
C ALA B 97 -15.34 11.29 -25.63
N CYS B 98 -14.69 12.38 -25.25
CA CYS B 98 -15.32 13.70 -25.28
C CYS B 98 -14.50 14.76 -26.02
N ILE B 99 -15.20 15.65 -26.72
CA ILE B 99 -14.55 16.75 -27.41
C ILE B 99 -15.45 17.98 -27.34
N TYR B 100 -14.98 19.06 -27.94
CA TYR B 100 -15.73 20.30 -28.00
C TYR B 100 -15.73 20.70 -29.46
N GLY B 101 -16.92 21.02 -29.98
CA GLY B 101 -17.02 21.41 -31.38
C GLY B 101 -16.46 20.36 -32.33
N GLY B 102 -15.67 20.81 -33.30
CA GLY B 102 -15.09 19.90 -34.28
C GLY B 102 -16.11 19.33 -35.24
N VAL B 103 -17.24 20.02 -35.41
CA VAL B 103 -18.32 19.54 -36.29
C VAL B 103 -18.63 20.42 -37.50
N THR B 104 -18.69 19.79 -38.68
CA THR B 104 -18.99 20.50 -39.93
C THR B 104 -19.91 19.62 -40.76
N ASN B 105 -20.69 20.21 -41.66
CA ASN B 105 -21.58 19.41 -42.50
C ASN B 105 -20.72 18.66 -43.50
N HIS B 106 -21.07 17.41 -43.76
CA HIS B 106 -20.31 16.59 -44.69
C HIS B 106 -20.61 16.90 -46.16
N GLU B 107 -21.88 16.82 -46.53
CA GLU B 107 -22.32 17.05 -47.91
C GLU B 107 -21.78 18.31 -48.58
N GLY B 108 -21.07 18.10 -49.69
CA GLY B 108 -20.53 19.19 -50.48
C GLY B 108 -19.61 20.16 -49.76
N ASN B 109 -18.77 19.64 -48.88
CA ASN B 109 -17.84 20.48 -48.15
C ASN B 109 -16.42 20.03 -48.43
N HIS B 110 -16.27 19.11 -49.38
CA HIS B 110 -14.97 18.57 -49.72
C HIS B 110 -14.36 19.17 -50.98
N LEU B 111 -13.04 19.11 -51.06
CA LEU B 111 -12.32 19.66 -52.21
C LEU B 111 -11.78 18.56 -53.12
N GLU B 112 -11.74 18.85 -54.42
CA GLU B 112 -11.23 17.90 -55.41
C GLU B 112 -9.80 17.59 -55.01
N ILE B 113 -9.09 18.64 -54.64
CA ILE B 113 -7.70 18.53 -54.22
C ILE B 113 -7.53 19.21 -52.87
N PRO B 114 -6.72 18.62 -51.98
CA PRO B 114 -6.49 19.21 -50.66
C PRO B 114 -5.96 20.65 -50.74
N LYS B 115 -6.51 21.53 -49.91
CA LYS B 115 -6.10 22.93 -49.87
C LYS B 115 -4.98 23.10 -48.85
N LYS B 116 -3.83 23.57 -49.31
CA LYS B 116 -2.66 23.79 -48.46
C LYS B 116 -2.65 25.20 -47.89
N ILE B 117 -2.61 25.32 -46.56
CA ILE B 117 -2.58 26.63 -45.92
C ILE B 117 -1.21 26.83 -45.32
N VAL B 118 -0.64 28.01 -45.54
CA VAL B 118 0.68 28.31 -45.02
C VAL B 118 0.61 28.80 -43.57
N VAL B 119 1.51 28.29 -42.74
CA VAL B 119 1.55 28.67 -41.35
C VAL B 119 2.84 29.43 -41.13
N LYS B 120 2.72 30.72 -40.86
CA LYS B 120 3.89 31.54 -40.63
C LYS B 120 4.21 31.57 -39.13
N VAL B 121 5.25 30.85 -38.75
CA VAL B 121 5.67 30.78 -37.36
C VAL B 121 6.70 31.84 -37.04
N SER B 122 6.52 32.53 -35.92
CA SER B 122 7.45 33.55 -35.50
C SER B 122 7.97 33.19 -34.11
N ILE B 123 9.29 33.18 -33.96
CA ILE B 123 9.89 32.84 -32.68
C ILE B 123 10.71 34.01 -32.15
N ASP B 124 10.29 34.56 -31.02
CA ASP B 124 10.98 35.70 -30.42
C ASP B 124 10.92 36.92 -31.33
N GLY B 125 9.72 37.24 -31.81
CA GLY B 125 9.54 38.40 -32.67
C GLY B 125 10.15 38.32 -34.06
N ILE B 126 10.58 37.13 -34.47
CA ILE B 126 11.21 36.95 -35.78
C ILE B 126 10.61 35.81 -36.60
N GLN B 127 9.67 36.15 -37.50
CA GLN B 127 9.03 35.15 -38.35
C GLN B 127 10.13 34.49 -39.17
N SER B 128 10.64 33.37 -38.67
CA SER B 128 11.72 32.65 -39.34
C SER B 128 11.37 31.18 -39.60
N LEU B 129 10.11 30.82 -39.41
CA LEU B 129 9.69 29.45 -39.65
C LEU B 129 8.42 29.46 -40.49
N SER B 130 8.32 28.55 -41.44
CA SER B 130 7.14 28.49 -42.26
C SER B 130 6.95 27.08 -42.79
N PHE B 131 5.74 26.55 -42.65
CA PHE B 131 5.46 25.20 -43.11
C PHE B 131 4.01 25.12 -43.55
N ASP B 132 3.66 24.04 -44.23
CA ASP B 132 2.30 23.91 -44.73
C ASP B 132 1.39 22.95 -43.94
N ILE B 133 0.12 23.29 -43.94
CA ILE B 133 -0.93 22.53 -43.26
C ILE B 133 -1.86 22.13 -44.40
N GLU B 134 -2.70 21.12 -44.19
CA GLU B 134 -3.59 20.71 -45.27
C GLU B 134 -4.99 20.32 -44.80
N THR B 135 -5.96 20.54 -45.67
CA THR B 135 -7.34 20.21 -45.37
C THR B 135 -8.09 20.00 -46.67
N ASN B 136 -9.08 19.12 -46.65
CA ASN B 136 -9.86 18.86 -47.85
C ASN B 136 -11.28 19.35 -47.62
N LYS B 137 -11.45 20.26 -46.68
CA LYS B 137 -12.78 20.82 -46.38
C LYS B 137 -12.84 22.29 -46.82
N LYS B 138 -14.00 22.73 -47.29
CA LYS B 138 -14.17 24.13 -47.72
C LYS B 138 -14.31 24.97 -46.46
N MET B 139 -15.21 24.53 -45.59
CA MET B 139 -15.44 25.19 -44.31
C MET B 139 -14.86 24.26 -43.23
N VAL B 140 -13.75 24.67 -42.64
CA VAL B 140 -13.08 23.87 -41.62
C VAL B 140 -13.06 24.57 -40.27
N THR B 141 -13.21 23.79 -39.19
CA THR B 141 -13.17 24.38 -37.85
C THR B 141 -11.75 24.76 -37.49
N ALA B 142 -11.64 25.80 -36.66
CA ALA B 142 -10.36 26.29 -36.20
C ALA B 142 -9.63 25.15 -35.48
N GLN B 143 -10.40 24.34 -34.76
CA GLN B 143 -9.83 23.22 -34.03
C GLN B 143 -8.97 22.32 -34.92
N GLU B 144 -9.52 21.92 -36.06
CA GLU B 144 -8.78 21.05 -36.97
C GLU B 144 -7.44 21.67 -37.36
N LEU B 145 -7.48 22.91 -37.85
CA LEU B 145 -6.28 23.59 -38.25
C LEU B 145 -5.32 23.73 -37.06
N ASP B 146 -5.88 24.04 -35.90
CA ASP B 146 -5.07 24.19 -34.69
C ASP B 146 -4.34 22.89 -34.39
N TYR B 147 -5.09 21.79 -34.30
CA TYR B 147 -4.47 20.50 -34.02
C TYR B 147 -3.32 20.22 -35.00
N LYS B 148 -3.56 20.46 -36.28
CA LYS B 148 -2.55 20.22 -37.29
C LYS B 148 -1.32 21.11 -37.12
N VAL B 149 -1.52 22.34 -36.67
CA VAL B 149 -0.41 23.25 -36.45
C VAL B 149 0.44 22.75 -35.29
N ARG B 150 -0.21 22.40 -34.18
CA ARG B 150 0.51 21.94 -32.99
C ARG B 150 1.13 20.56 -33.12
N LYS B 151 0.49 19.69 -33.90
CA LYS B 151 1.03 18.34 -34.10
C LYS B 151 2.38 18.44 -34.80
N TYR B 152 2.43 19.28 -35.84
CA TYR B 152 3.67 19.48 -36.61
C TYR B 152 4.73 20.14 -35.72
N LEU B 153 4.34 21.18 -35.01
CA LEU B 153 5.24 21.92 -34.12
C LEU B 153 5.77 21.06 -32.99
N THR B 154 4.97 20.10 -32.55
CA THR B 154 5.36 19.21 -31.48
C THR B 154 6.32 18.14 -32.01
N ASP B 155 6.00 17.63 -33.20
CA ASP B 155 6.84 16.61 -33.82
C ASP B 155 8.17 17.19 -34.32
N ASN B 156 8.14 18.41 -34.84
CA ASN B 156 9.34 18.98 -35.41
C ASN B 156 10.09 20.02 -34.59
N LYS B 157 9.38 20.83 -33.81
CA LYS B 157 10.06 21.86 -33.03
C LYS B 157 9.98 21.69 -31.51
N GLN B 158 9.38 20.59 -31.06
CA GLN B 158 9.25 20.30 -29.64
C GLN B 158 8.43 21.31 -28.86
N LEU B 159 7.31 21.75 -29.45
CA LEU B 159 6.42 22.70 -28.77
C LEU B 159 6.00 22.11 -27.43
N TYR B 160 5.68 20.82 -27.44
CA TYR B 160 5.27 20.08 -26.26
C TYR B 160 6.11 18.82 -26.15
N THR B 161 6.26 18.33 -24.94
CA THR B 161 7.01 17.09 -24.70
C THR B 161 6.33 16.45 -23.51
N ASN B 162 6.65 15.19 -23.24
CA ASN B 162 6.10 14.54 -22.06
C ASN B 162 6.96 15.13 -20.96
N GLY B 163 6.74 16.41 -20.67
CA GLY B 163 7.49 17.12 -19.67
C GLY B 163 7.37 18.62 -19.94
N PRO B 164 8.43 19.40 -19.65
CA PRO B 164 8.45 20.85 -19.85
C PRO B 164 8.50 21.23 -21.33
N SER B 165 8.43 22.52 -21.63
CA SER B 165 8.49 22.99 -23.00
C SER B 165 9.66 23.94 -23.19
N LYS B 166 10.22 23.95 -24.39
CA LYS B 166 11.35 24.83 -24.69
C LYS B 166 10.84 26.28 -24.85
N TYR B 167 9.53 26.43 -24.99
CA TYR B 167 8.95 27.76 -25.13
C TYR B 167 8.22 28.21 -23.87
N GLU B 168 8.37 29.49 -23.51
CA GLU B 168 7.72 30.03 -22.31
C GLU B 168 6.28 30.43 -22.57
N THR B 169 6.04 31.07 -23.71
CA THR B 169 4.69 31.48 -24.07
C THR B 169 4.47 31.16 -25.54
N GLY B 170 3.21 31.22 -25.97
CA GLY B 170 2.91 30.94 -27.36
C GLY B 170 1.43 30.95 -27.66
N TYR B 171 1.10 31.30 -28.90
CA TYR B 171 -0.29 31.31 -29.32
C TYR B 171 -0.42 31.24 -30.83
N ILE B 172 -1.62 30.87 -31.26
CA ILE B 172 -1.93 30.75 -32.67
C ILE B 172 -2.96 31.82 -32.98
N LYS B 173 -2.74 32.55 -34.07
CA LYS B 173 -3.63 33.62 -34.49
C LYS B 173 -4.28 33.28 -35.83
N PHE B 174 -5.60 33.35 -35.86
CA PHE B 174 -6.37 33.07 -37.06
C PHE B 174 -6.82 34.37 -37.71
N ILE B 175 -6.57 34.48 -39.02
CA ILE B 175 -6.96 35.68 -39.73
C ILE B 175 -7.93 35.39 -40.88
N PRO B 176 -9.24 35.35 -40.58
CA PRO B 176 -10.25 35.09 -41.62
C PRO B 176 -10.34 36.28 -42.59
N LYS B 177 -10.97 36.07 -43.74
CA LYS B 177 -11.12 37.10 -44.77
C LYS B 177 -11.67 38.42 -44.27
N ASN B 178 -13.00 38.51 -44.17
CA ASN B 178 -13.64 39.74 -43.71
C ASN B 178 -14.30 39.52 -42.35
N LYS B 179 -13.50 39.08 -41.39
CA LYS B 179 -14.00 38.85 -40.03
C LYS B 179 -12.91 39.16 -39.01
N GLU B 180 -13.32 39.38 -37.77
CA GLU B 180 -12.40 39.68 -36.68
C GLU B 180 -11.46 38.51 -36.40
N SER B 181 -10.17 38.79 -36.33
CA SER B 181 -9.19 37.75 -36.06
C SER B 181 -9.33 37.29 -34.62
N PHE B 182 -8.82 36.10 -34.32
CA PHE B 182 -8.86 35.55 -32.97
C PHE B 182 -7.65 34.65 -32.71
N TRP B 183 -7.35 34.40 -31.44
CA TRP B 183 -6.19 33.57 -31.07
C TRP B 183 -6.43 32.61 -29.90
N PHE B 184 -5.56 31.60 -29.81
CA PHE B 184 -5.62 30.61 -28.74
C PHE B 184 -4.27 30.55 -28.07
N ASP B 185 -4.26 30.55 -26.74
CA ASP B 185 -3.00 30.47 -26.03
C ASP B 185 -2.59 29.00 -26.03
N PHE B 186 -1.33 28.75 -26.37
CA PHE B 186 -0.81 27.38 -26.42
C PHE B 186 -0.65 26.76 -25.06
N PHE B 187 -0.58 27.58 -24.01
CA PHE B 187 -0.40 27.05 -22.68
C PHE B 187 -1.57 27.32 -21.75
N PRO B 188 -1.88 26.36 -20.88
CA PRO B 188 -2.99 26.49 -19.93
C PRO B 188 -2.57 27.24 -18.69
N GLU B 189 -3.50 27.35 -17.75
CA GLU B 189 -3.22 28.03 -16.50
C GLU B 189 -2.49 27.00 -15.62
N PRO B 190 -1.72 27.46 -14.62
CA PRO B 190 -0.98 26.58 -13.71
C PRO B 190 -1.73 25.31 -13.32
N GLU B 191 -3.00 25.46 -12.98
CA GLU B 191 -3.82 24.29 -12.65
C GLU B 191 -4.91 24.20 -13.69
N PHE B 192 -5.01 23.05 -14.33
CA PHE B 192 -6.00 22.85 -15.37
C PHE B 192 -6.31 21.37 -15.51
N THR B 193 -7.30 21.09 -16.36
CA THR B 193 -7.71 19.73 -16.68
C THR B 193 -7.82 19.81 -18.19
N GLN B 194 -7.76 18.66 -18.86
CA GLN B 194 -7.87 18.68 -20.31
C GLN B 194 -9.22 19.21 -20.76
N SER B 195 -10.28 18.83 -20.07
CA SER B 195 -11.62 19.28 -20.44
C SER B 195 -11.77 20.80 -20.29
N LYS B 196 -11.21 21.35 -19.22
CA LYS B 196 -11.32 22.80 -19.02
C LYS B 196 -10.56 23.54 -20.12
N TYR B 197 -9.33 23.12 -20.40
CA TYR B 197 -8.54 23.79 -21.42
C TYR B 197 -9.16 23.74 -22.82
N LEU B 198 -9.67 22.56 -23.19
CA LEU B 198 -10.26 22.35 -24.51
C LEU B 198 -11.54 23.12 -24.81
N MET B 199 -11.98 23.98 -23.89
CA MET B 199 -13.19 24.74 -24.13
C MET B 199 -13.02 25.78 -25.25
N ILE B 200 -11.78 25.98 -25.68
CA ILE B 200 -11.51 26.92 -26.75
C ILE B 200 -12.16 26.47 -28.05
N TYR B 201 -12.60 25.21 -28.11
CA TYR B 201 -13.20 24.69 -29.32
C TYR B 201 -14.72 24.52 -29.19
N LYS B 202 -15.26 24.89 -28.04
CA LYS B 202 -16.70 24.75 -27.82
C LYS B 202 -17.55 25.58 -28.77
N ASP B 203 -17.03 26.72 -29.19
CA ASP B 203 -17.76 27.63 -30.07
C ASP B 203 -17.87 27.12 -31.51
N ASN B 204 -17.17 26.02 -31.81
CA ASN B 204 -17.20 25.40 -33.14
C ASN B 204 -16.88 26.37 -34.29
N GLU B 205 -16.05 27.37 -33.99
CA GLU B 205 -15.64 28.37 -34.98
C GLU B 205 -15.14 27.71 -36.25
N THR B 206 -15.75 28.04 -37.39
CA THR B 206 -15.35 27.46 -38.67
C THR B 206 -14.76 28.53 -39.60
N LEU B 207 -13.85 28.13 -40.47
CA LEU B 207 -13.20 29.06 -41.38
C LEU B 207 -13.25 28.62 -42.83
N ASP B 208 -13.04 29.57 -43.73
CA ASP B 208 -13.00 29.29 -45.15
C ASP B 208 -11.55 28.90 -45.41
N SER B 209 -11.31 27.61 -45.61
CA SER B 209 -9.97 27.12 -45.84
C SER B 209 -9.26 27.81 -46.99
N ASN B 210 -10.02 28.35 -47.94
CA ASN B 210 -9.43 29.00 -49.09
C ASN B 210 -8.93 30.42 -48.82
N THR B 211 -9.62 31.15 -47.95
CA THR B 211 -9.24 32.53 -47.63
C THR B 211 -9.01 32.78 -46.13
N SER B 212 -8.09 32.04 -45.53
CA SER B 212 -7.77 32.21 -44.11
C SER B 212 -6.27 32.05 -43.85
N GLN B 213 -5.74 32.91 -43.00
CA GLN B 213 -4.32 32.89 -42.66
C GLN B 213 -4.08 32.37 -41.25
N ILE B 214 -2.89 31.80 -41.05
CA ILE B 214 -2.52 31.23 -39.75
C ILE B 214 -1.14 31.72 -39.33
N GLU B 215 -1.09 32.39 -38.19
CA GLU B 215 0.17 32.90 -37.65
C GLU B 215 0.43 32.30 -36.28
N VAL B 216 1.68 31.95 -36.01
CA VAL B 216 2.06 31.39 -34.72
C VAL B 216 3.16 32.26 -34.10
N TYR B 217 2.98 32.60 -32.83
CA TYR B 217 3.95 33.43 -32.12
C TYR B 217 4.44 32.72 -30.85
N LEU B 218 5.75 32.48 -30.80
CA LEU B 218 6.36 31.79 -29.66
C LEU B 218 7.53 32.59 -29.08
N THR B 219 7.88 32.32 -27.82
CA THR B 219 9.02 32.97 -27.16
C THR B 219 9.72 31.84 -26.39
N THR B 220 11.04 31.76 -26.44
CA THR B 220 11.73 30.68 -25.73
C THR B 220 12.10 31.07 -24.30
N ALA C 1 -13.23 -8.08 5.48
CA ALA C 1 -13.11 -6.60 5.59
C ALA C 1 -12.16 -6.18 6.73
N VAL C 2 -11.74 -4.92 6.69
CA VAL C 2 -10.83 -4.38 7.69
C VAL C 2 -11.39 -3.04 8.15
N THR C 3 -11.51 -2.88 9.47
CA THR C 3 -12.02 -1.62 10.00
C THR C 3 -11.01 -1.08 11.00
N GLN C 4 -11.08 0.21 11.28
CA GLN C 4 -10.17 0.84 12.21
C GLN C 4 -10.98 1.72 13.15
N SER C 5 -10.55 1.82 14.40
CA SER C 5 -11.23 2.67 15.35
C SER C 5 -10.19 3.15 16.35
N PRO C 6 -10.21 4.45 16.67
CA PRO C 6 -11.16 5.40 16.10
C PRO C 6 -10.71 5.81 14.71
N ARG C 7 -11.60 6.41 13.93
CA ARG C 7 -11.29 6.87 12.60
C ARG C 7 -10.69 8.28 12.65
N ASN C 8 -10.98 8.99 13.74
CA ASN C 8 -10.49 10.35 13.95
C ASN C 8 -10.11 10.53 15.41
N LYS C 9 -8.99 11.20 15.64
CA LYS C 9 -8.52 11.39 16.99
C LYS C 9 -7.58 12.56 17.18
N VAL C 10 -7.90 13.40 18.15
CA VAL C 10 -7.06 14.54 18.48
C VAL C 10 -6.61 14.21 19.90
N ALA C 11 -5.30 14.26 20.12
CA ALA C 11 -4.73 13.94 21.42
C ALA C 11 -3.74 15.02 21.84
N VAL C 12 -3.48 15.12 23.15
CA VAL C 12 -2.52 16.10 23.64
C VAL C 12 -1.16 15.45 23.88
N THR C 13 -0.10 16.21 23.65
CA THR C 13 1.25 15.68 23.85
C THR C 13 1.35 15.04 25.22
N GLY C 14 2.04 13.90 25.28
CA GLY C 14 2.20 13.20 26.53
C GLY C 14 1.03 12.28 26.87
N GLY C 15 -0.02 12.33 26.07
CA GLY C 15 -1.17 11.47 26.33
C GLY C 15 -0.98 10.08 25.74
N LYS C 16 -1.86 9.16 26.09
CA LYS C 16 -1.79 7.80 25.58
C LYS C 16 -2.88 7.60 24.52
N VAL C 17 -2.52 6.94 23.43
CA VAL C 17 -3.47 6.70 22.34
C VAL C 17 -3.45 5.25 21.88
N THR C 18 -4.64 4.72 21.58
CA THR C 18 -4.75 3.35 21.10
C THR C 18 -5.59 3.26 19.82
N LEU C 19 -4.97 2.78 18.75
CA LEU C 19 -5.66 2.62 17.49
C LEU C 19 -5.92 1.12 17.37
N SER C 20 -7.17 0.75 17.08
CA SER C 20 -7.53 -0.65 16.96
C SER C 20 -7.93 -1.04 15.56
N CYS C 21 -7.44 -2.20 15.15
CA CYS C 21 -7.74 -2.72 13.84
C CYS C 21 -8.50 -4.03 13.96
N GLN C 22 -9.56 -4.16 13.17
CA GLN C 22 -10.39 -5.36 13.20
C GLN C 22 -10.50 -5.90 11.76
N GLN C 23 -10.36 -7.21 11.60
CA GLN C 23 -10.48 -7.82 10.29
C GLN C 23 -11.44 -9.01 10.37
N THR C 24 -12.01 -9.38 9.22
CA THR C 24 -12.91 -10.52 9.13
C THR C 24 -12.44 -11.45 8.01
N ASN C 25 -11.23 -11.22 7.52
CA ASN C 25 -10.67 -12.02 6.44
C ASN C 25 -9.98 -13.29 6.96
N ASN C 26 -9.83 -13.38 8.27
CA ASN C 26 -9.18 -14.52 8.91
C ASN C 26 -7.75 -14.69 8.41
N HIS C 27 -7.08 -13.56 8.16
CA HIS C 27 -5.69 -13.56 7.69
C HIS C 27 -4.72 -13.66 8.86
N ASN C 28 -3.66 -14.43 8.71
CA ASN C 28 -2.66 -14.59 9.77
C ASN C 28 -1.83 -13.34 10.00
N ASN C 29 -1.60 -12.58 8.93
CA ASN C 29 -0.79 -11.36 9.01
C ASN C 29 -1.60 -10.07 9.12
N MET C 30 -1.15 -9.16 9.98
CA MET C 30 -1.80 -7.87 10.09
C MET C 30 -0.68 -6.82 10.15
N TYR C 31 -1.00 -5.61 9.68
CA TYR C 31 -0.01 -4.54 9.62
C TYR C 31 -0.53 -3.17 10.05
N TRP C 32 0.37 -2.33 10.54
CA TRP C 32 0.04 -0.96 10.91
C TRP C 32 1.05 -0.03 10.22
N TYR C 33 0.55 0.86 9.36
CA TYR C 33 1.42 1.79 8.65
C TYR C 33 1.00 3.22 8.96
N ARG C 34 1.80 4.17 8.51
CA ARG C 34 1.49 5.59 8.65
C ARG C 34 1.90 6.25 7.34
N GLN C 35 1.18 7.29 6.93
CA GLN C 35 1.46 8.02 5.70
C GLN C 35 1.50 9.52 5.98
N ASP C 36 2.52 10.18 5.46
CA ASP C 36 2.65 11.60 5.67
C ASP C 36 2.77 12.31 4.34
N THR C 37 1.98 13.37 4.20
CA THR C 37 1.94 14.19 3.00
C THR C 37 3.27 14.24 2.25
N GLY C 38 3.24 13.90 0.96
CA GLY C 38 4.44 13.91 0.15
C GLY C 38 5.42 12.80 0.47
N HIS C 39 5.28 12.23 1.65
CA HIS C 39 6.15 11.14 2.10
C HIS C 39 5.45 9.79 1.90
N GLY C 40 6.20 8.70 2.00
CA GLY C 40 5.58 7.40 1.76
C GLY C 40 4.75 6.72 2.82
N LEU C 41 4.34 5.50 2.47
CA LEU C 41 3.58 4.61 3.34
C LEU C 41 4.67 3.82 4.09
N ARG C 42 4.80 4.02 5.40
CA ARG C 42 5.82 3.32 6.16
C ARG C 42 5.26 2.34 7.17
N LEU C 43 5.89 1.17 7.25
CA LEU C 43 5.48 0.12 8.18
C LEU C 43 6.05 0.35 9.57
N ILE C 44 5.17 0.35 10.56
CA ILE C 44 5.55 0.56 11.95
C ILE C 44 5.72 -0.79 12.66
N HIS C 45 4.63 -1.57 12.68
CA HIS C 45 4.64 -2.88 13.30
C HIS C 45 3.79 -3.82 12.47
N TYR C 46 4.04 -5.11 12.59
CA TYR C 46 3.24 -6.09 11.88
C TYR C 46 3.20 -7.36 12.73
N SER C 47 2.37 -8.31 12.34
CA SER C 47 2.23 -9.54 13.12
C SER C 47 1.96 -10.77 12.27
N TYR C 48 2.66 -11.86 12.57
CA TYR C 48 2.50 -13.12 11.83
C TYR C 48 1.39 -13.96 12.40
N GLY C 49 0.82 -13.52 13.51
CA GLY C 49 -0.24 -14.30 14.12
C GLY C 49 -0.51 -13.92 15.57
N ALA C 50 -1.63 -14.41 16.09
CA ALA C 50 -2.03 -14.12 17.45
C ALA C 50 -0.92 -14.31 18.47
N GLY C 51 -0.86 -13.41 19.44
CA GLY C 51 0.13 -13.50 20.49
C GLY C 51 1.54 -13.10 20.14
N SER C 52 1.73 -12.38 19.04
CA SER C 52 3.06 -11.92 18.66
C SER C 52 2.99 -10.77 17.69
N THR C 53 4.04 -9.98 17.67
CA THR C 53 4.14 -8.84 16.79
C THR C 53 5.58 -8.71 16.39
N GLU C 54 5.83 -7.98 15.31
CA GLU C 54 7.17 -7.78 14.80
C GLU C 54 7.41 -6.29 14.61
N LYS C 55 8.62 -5.85 14.92
CA LYS C 55 8.98 -4.46 14.71
C LYS C 55 9.11 -4.20 13.20
N GLY C 56 8.51 -3.11 12.72
CA GLY C 56 8.58 -2.76 11.32
C GLY C 56 9.82 -1.94 11.00
N ASP C 57 9.72 -1.00 10.07
CA ASP C 57 10.87 -0.17 9.71
C ASP C 57 11.01 1.08 10.59
N ILE C 58 9.90 1.58 11.13
CA ILE C 58 9.94 2.76 11.99
C ILE C 58 9.12 2.53 13.27
N PRO C 59 9.57 1.59 14.10
CA PRO C 59 8.91 1.23 15.36
C PRO C 59 9.03 2.21 16.54
N ASP C 60 10.10 3.00 16.57
CA ASP C 60 10.31 3.92 17.67
C ASP C 60 9.08 4.77 18.02
N GLY C 61 8.68 4.72 19.29
CA GLY C 61 7.54 5.50 19.76
C GLY C 61 6.21 4.76 19.78
N TYR C 62 6.19 3.53 19.26
CA TYR C 62 4.97 2.74 19.19
C TYR C 62 5.10 1.33 19.74
N LYS C 63 4.02 0.81 20.32
CA LYS C 63 3.98 -0.55 20.83
C LYS C 63 2.86 -1.20 20.05
N ALA C 64 2.85 -2.53 19.96
CA ALA C 64 1.79 -3.20 19.24
C ALA C 64 1.38 -4.45 19.99
N SER C 65 0.15 -4.89 19.75
CA SER C 65 -0.41 -6.05 20.41
C SER C 65 -1.38 -6.77 19.49
N ARG C 66 -1.31 -8.10 19.49
CA ARG C 66 -2.15 -8.97 18.67
C ARG C 66 -2.86 -9.94 19.61
N PRO C 67 -3.88 -9.46 20.34
CA PRO C 67 -4.65 -10.27 21.30
C PRO C 67 -5.34 -11.47 20.68
N SER C 68 -5.57 -11.42 19.37
CA SER C 68 -6.20 -12.52 18.67
C SER C 68 -5.95 -12.39 17.17
N GLN C 69 -6.51 -13.31 16.41
CA GLN C 69 -6.38 -13.34 14.97
C GLN C 69 -7.04 -12.13 14.34
N GLU C 70 -8.21 -11.77 14.86
CA GLU C 70 -8.99 -10.66 14.33
C GLU C 70 -8.51 -9.24 14.65
N GLN C 71 -7.90 -9.04 15.80
CA GLN C 71 -7.47 -7.70 16.18
C GLN C 71 -5.98 -7.45 16.25
N PHE C 72 -5.59 -6.20 15.96
CA PHE C 72 -4.19 -5.77 15.99
C PHE C 72 -4.20 -4.32 16.41
N SER C 73 -3.62 -4.05 17.57
CA SER C 73 -3.60 -2.68 18.10
C SER C 73 -2.25 -1.99 18.05
N LEU C 74 -2.29 -0.67 17.84
CA LEU C 74 -1.09 0.15 17.82
C LEU C 74 -1.21 1.10 19.02
N ILE C 75 -0.28 1.00 19.96
CA ILE C 75 -0.32 1.86 21.15
C ILE C 75 0.78 2.92 21.17
N LEU C 76 0.39 4.13 21.56
CA LEU C 76 1.33 5.25 21.68
C LEU C 76 1.27 5.67 23.14
N GLU C 77 2.26 5.23 23.92
CA GLU C 77 2.29 5.53 25.36
C GLU C 77 2.45 7.02 25.65
N LEU C 78 3.28 7.70 24.86
CA LEU C 78 3.53 9.13 25.06
C LEU C 78 3.44 9.88 23.74
N ALA C 79 2.22 10.20 23.34
CA ALA C 79 2.04 10.90 22.08
C ALA C 79 2.89 12.15 21.92
N THR C 80 3.44 12.32 20.73
CA THR C 80 4.23 13.51 20.42
C THR C 80 3.68 14.05 19.10
N PRO C 81 3.85 15.36 18.86
CA PRO C 81 3.35 15.98 17.63
C PRO C 81 3.85 15.30 16.37
N SER C 82 5.05 14.74 16.44
CA SER C 82 5.63 14.07 15.29
C SER C 82 4.82 12.81 14.90
N GLN C 83 3.97 12.36 15.80
CA GLN C 83 3.16 11.18 15.51
C GLN C 83 1.87 11.58 14.81
N THR C 84 1.71 12.87 14.53
CA THR C 84 0.53 13.35 13.82
C THR C 84 0.70 12.76 12.43
N SER C 85 -0.34 12.09 11.92
CA SER C 85 -0.24 11.46 10.60
C SER C 85 -1.53 10.71 10.28
N VAL C 86 -1.56 10.01 9.16
CA VAL C 86 -2.74 9.21 8.84
C VAL C 86 -2.27 7.76 8.95
N TYR C 87 -2.90 7.00 9.85
CA TYR C 87 -2.54 5.61 10.06
C TYR C 87 -3.40 4.63 9.30
N PHE C 88 -2.76 3.65 8.67
CA PHE C 88 -3.48 2.63 7.90
C PHE C 88 -3.24 1.22 8.42
N CYS C 89 -4.32 0.47 8.53
CA CYS C 89 -4.24 -0.90 8.97
C CYS C 89 -4.43 -1.81 7.75
N ALA C 90 -3.93 -3.03 7.84
CA ALA C 90 -4.12 -3.98 6.75
C ALA C 90 -3.95 -5.41 7.21
N SER C 91 -4.62 -6.31 6.51
CA SER C 91 -4.52 -7.73 6.83
C SER C 91 -3.91 -8.31 5.56
N GLY C 92 -3.22 -9.44 5.69
CA GLY C 92 -2.61 -10.03 4.52
C GLY C 92 -2.62 -11.53 4.54
N GLY C 93 -3.01 -12.11 3.40
CA GLY C 93 -3.02 -13.55 3.28
C GLY C 93 -1.69 -13.99 2.70
N GLY C 94 -1.49 -15.29 2.56
CA GLY C 94 -0.24 -15.79 2.00
C GLY C 94 0.99 -15.26 2.69
N ARG C 95 1.94 -14.76 1.89
CA ARG C 95 3.18 -14.22 2.42
C ARG C 95 3.04 -12.76 2.87
N GLY C 96 1.96 -12.10 2.45
CA GLY C 96 1.77 -10.73 2.86
C GLY C 96 2.35 -9.63 1.98
N SER C 97 2.43 -9.88 0.67
CA SER C 97 2.93 -8.88 -0.29
C SER C 97 1.77 -7.90 -0.44
N TYR C 98 1.99 -6.79 -1.13
CA TYR C 98 0.90 -5.83 -1.29
C TYR C 98 -0.32 -6.41 -2.05
N ALA C 99 -0.05 -7.25 -3.06
CA ALA C 99 -1.09 -7.87 -3.86
C ALA C 99 -1.98 -8.80 -3.01
N GLU C 100 -1.51 -9.12 -1.82
CA GLU C 100 -2.26 -10.00 -0.94
C GLU C 100 -2.74 -9.25 0.30
N GLN C 101 -2.58 -7.93 0.31
CA GLN C 101 -3.00 -7.15 1.46
C GLN C 101 -4.34 -6.46 1.26
N PHE C 102 -5.00 -6.16 2.37
CA PHE C 102 -6.28 -5.48 2.35
C PHE C 102 -6.22 -4.38 3.40
N PHE C 103 -6.28 -3.13 2.94
CA PHE C 103 -6.20 -2.00 3.84
C PHE C 103 -7.48 -1.52 4.52
N GLY C 104 -7.31 -0.86 5.65
CA GLY C 104 -8.44 -0.31 6.39
C GLY C 104 -8.72 1.05 5.79
N PRO C 105 -9.75 1.77 6.26
CA PRO C 105 -10.09 3.08 5.73
C PRO C 105 -9.12 4.19 6.15
N GLY C 106 -8.33 3.94 7.19
CA GLY C 106 -7.40 4.94 7.66
C GLY C 106 -7.91 5.71 8.86
N THR C 107 -6.98 6.26 9.63
CA THR C 107 -7.30 7.03 10.83
C THR C 107 -6.48 8.31 10.85
N ARG C 108 -7.14 9.44 11.12
CA ARG C 108 -6.45 10.73 11.20
C ARG C 108 -6.14 10.99 12.66
N LEU C 109 -4.87 11.08 12.99
CA LEU C 109 -4.45 11.35 14.36
C LEU C 109 -3.64 12.63 14.38
N THR C 110 -4.02 13.55 15.24
CA THR C 110 -3.29 14.80 15.34
C THR C 110 -2.95 15.01 16.80
N VAL C 111 -1.67 15.27 17.06
CA VAL C 111 -1.20 15.49 18.42
C VAL C 111 -0.77 16.95 18.59
N LEU C 112 -1.38 17.64 19.55
CA LEU C 112 -1.04 19.05 19.80
C LEU C 112 -0.74 19.34 21.26
N GLU C 113 -0.10 20.49 21.52
CA GLU C 113 0.29 20.91 22.86
C GLU C 113 -0.89 20.95 23.83
N ASP C 114 -2.01 21.48 23.39
CA ASP C 114 -3.19 21.52 24.24
C ASP C 114 -4.40 21.60 23.32
N LEU C 115 -5.55 21.18 23.83
CA LEU C 115 -6.76 21.15 23.03
C LEU C 115 -7.53 22.46 22.86
N ARG C 116 -7.08 23.52 23.52
CA ARG C 116 -7.77 24.81 23.42
C ARG C 116 -7.72 25.40 22.01
N GLN C 117 -7.05 24.70 21.11
CA GLN C 117 -6.90 25.15 19.73
C GLN C 117 -8.01 24.62 18.80
N VAL C 118 -8.54 23.44 19.14
CA VAL C 118 -9.58 22.78 18.35
C VAL C 118 -10.77 23.71 18.09
N THR C 119 -11.16 23.86 16.83
CA THR C 119 -12.26 24.73 16.45
C THR C 119 -13.13 24.19 15.31
N PRO C 120 -14.46 24.20 15.48
CA PRO C 120 -15.38 23.71 14.44
C PRO C 120 -15.26 24.64 13.22
N PRO C 121 -15.74 24.18 12.05
CA PRO C 121 -15.64 25.01 10.84
C PRO C 121 -16.74 26.00 10.54
N LYS C 122 -16.44 26.86 9.58
CA LYS C 122 -17.38 27.86 9.08
C LYS C 122 -17.71 27.36 7.68
N VAL C 123 -18.99 27.15 7.42
CA VAL C 123 -19.42 26.65 6.12
C VAL C 123 -20.33 27.64 5.42
N SER C 124 -20.11 27.82 4.12
CA SER C 124 -20.91 28.75 3.32
C SER C 124 -21.16 28.20 1.91
N LEU C 125 -22.32 28.51 1.36
CA LEU C 125 -22.71 28.06 0.01
C LEU C 125 -22.78 29.29 -0.87
N PHE C 126 -22.30 29.17 -2.10
CA PHE C 126 -22.33 30.29 -3.03
C PHE C 126 -22.97 29.96 -4.37
N GLU C 127 -23.92 30.81 -4.77
CA GLU C 127 -24.64 30.64 -6.02
C GLU C 127 -23.73 30.83 -7.23
N PRO C 128 -24.04 30.15 -8.33
CA PRO C 128 -23.25 30.23 -9.57
C PRO C 128 -23.10 31.65 -10.10
N SER C 129 -21.98 31.92 -10.76
CA SER C 129 -21.70 33.24 -11.32
C SER C 129 -22.84 33.76 -12.19
N LYS C 130 -23.18 35.04 -12.01
CA LYS C 130 -24.25 35.67 -12.79
C LYS C 130 -24.09 35.36 -14.27
N ALA C 131 -22.91 35.66 -14.81
CA ALA C 131 -22.62 35.43 -16.22
C ALA C 131 -22.57 33.93 -16.54
N GLU C 132 -21.84 33.18 -15.73
CA GLU C 132 -21.70 31.74 -15.92
C GLU C 132 -23.02 31.06 -16.29
N ILE C 133 -24.11 31.50 -15.67
CA ILE C 133 -25.42 30.93 -15.95
C ILE C 133 -25.81 31.04 -17.42
N ALA C 134 -25.85 32.28 -17.92
CA ALA C 134 -26.23 32.56 -19.32
C ALA C 134 -25.53 31.73 -20.41
N ASN C 135 -24.37 32.21 -20.87
CA ASN C 135 -23.62 31.53 -21.92
C ASN C 135 -22.73 30.41 -21.39
N LYS C 136 -23.18 29.78 -20.30
CA LYS C 136 -22.43 28.68 -19.69
C LYS C 136 -23.18 27.35 -19.77
N GLN C 137 -24.51 27.44 -19.80
CA GLN C 137 -25.37 26.26 -19.88
C GLN C 137 -25.15 25.37 -18.67
N LYS C 138 -24.11 25.69 -17.90
CA LYS C 138 -23.77 24.92 -16.72
C LYS C 138 -23.71 25.84 -15.50
N ALA C 139 -24.29 25.35 -14.40
CA ALA C 139 -24.31 26.10 -13.15
C ALA C 139 -23.37 25.43 -12.16
N THR C 140 -22.47 26.21 -11.57
CA THR C 140 -21.52 25.66 -10.61
C THR C 140 -21.63 26.27 -9.21
N LEU C 141 -21.88 25.40 -8.24
CA LEU C 141 -22.01 25.80 -6.84
C LEU C 141 -20.67 25.61 -6.14
N VAL C 142 -20.28 26.58 -5.34
CA VAL C 142 -19.02 26.51 -4.60
C VAL C 142 -19.26 26.43 -3.10
N CYS C 143 -18.78 25.36 -2.47
CA CYS C 143 -18.94 25.22 -1.02
C CYS C 143 -17.61 25.46 -0.35
N LEU C 144 -17.63 26.28 0.68
CA LEU C 144 -16.40 26.62 1.38
C LEU C 144 -16.49 26.46 2.89
N ALA C 145 -15.52 25.75 3.44
CA ALA C 145 -15.43 25.53 4.87
C ALA C 145 -14.07 26.05 5.31
N ARG C 146 -14.05 26.86 6.36
CA ARG C 146 -12.78 27.38 6.84
C ARG C 146 -12.80 27.71 8.31
N GLY C 147 -11.64 28.10 8.83
CA GLY C 147 -11.53 28.44 10.24
C GLY C 147 -11.65 27.24 11.17
N PHE C 148 -11.30 26.05 10.68
CA PHE C 148 -11.40 24.87 11.52
C PHE C 148 -10.03 24.28 11.86
N PHE C 149 -9.96 23.55 12.97
CA PHE C 149 -8.71 22.97 13.42
C PHE C 149 -8.97 21.90 14.49
N PRO C 150 -8.35 20.71 14.35
CA PRO C 150 -7.43 20.31 13.28
C PRO C 150 -8.20 20.05 11.97
N ASP C 151 -7.60 19.28 11.07
CA ASP C 151 -8.25 19.03 9.78
C ASP C 151 -8.95 17.70 9.56
N HIS C 152 -9.73 17.26 10.54
CA HIS C 152 -10.47 16.00 10.42
C HIS C 152 -11.87 16.33 9.93
N VAL C 153 -12.02 16.57 8.63
CA VAL C 153 -13.33 16.90 8.06
C VAL C 153 -13.68 16.12 6.81
N GLU C 154 -14.98 16.04 6.52
CA GLU C 154 -15.49 15.37 5.33
C GLU C 154 -16.54 16.30 4.76
N LEU C 155 -16.51 16.48 3.45
CA LEU C 155 -17.43 17.35 2.76
C LEU C 155 -18.14 16.58 1.67
N SER C 156 -19.47 16.63 1.69
CA SER C 156 -20.26 15.92 0.69
C SER C 156 -21.37 16.81 0.14
N TRP C 157 -21.97 16.38 -0.97
CA TRP C 157 -23.05 17.15 -1.60
C TRP C 157 -24.31 16.33 -1.67
N TRP C 158 -25.45 17.00 -1.47
CA TRP C 158 -26.73 16.32 -1.54
C TRP C 158 -27.76 17.12 -2.33
N VAL C 159 -28.18 16.60 -3.47
CA VAL C 159 -29.19 17.29 -4.26
C VAL C 159 -30.49 16.53 -4.10
N ASN C 160 -31.54 17.23 -3.69
CA ASN C 160 -32.85 16.62 -3.51
C ASN C 160 -32.84 15.53 -2.45
N GLY C 161 -31.86 15.57 -1.55
CA GLY C 161 -31.78 14.58 -0.50
C GLY C 161 -30.97 13.33 -0.81
N LYS C 162 -30.44 13.22 -2.02
CA LYS C 162 -29.66 12.04 -2.35
C LYS C 162 -28.22 12.48 -2.59
N GLU C 163 -27.28 11.78 -1.95
CA GLU C 163 -25.86 12.12 -2.08
C GLU C 163 -25.41 11.99 -3.52
N VAL C 164 -24.57 12.92 -3.95
CA VAL C 164 -24.08 12.95 -5.32
C VAL C 164 -22.57 13.13 -5.40
N HIS C 165 -21.93 12.38 -6.31
CA HIS C 165 -20.49 12.49 -6.51
C HIS C 165 -20.23 13.03 -7.91
N SER C 166 -21.24 12.91 -8.78
CA SER C 166 -21.14 13.37 -10.15
C SER C 166 -21.17 14.89 -10.28
N GLY C 167 -20.14 15.45 -10.90
CA GLY C 167 -20.07 16.89 -11.08
C GLY C 167 -19.37 17.57 -9.92
N VAL C 168 -19.00 16.77 -8.93
CA VAL C 168 -18.32 17.27 -7.74
C VAL C 168 -16.81 17.39 -7.97
N SER C 169 -16.20 18.40 -7.35
CA SER C 169 -14.76 18.63 -7.48
C SER C 169 -14.27 19.19 -6.17
N THR C 170 -13.82 18.32 -5.28
CA THR C 170 -13.35 18.72 -3.96
C THR C 170 -11.83 18.75 -3.86
N ASP C 171 -11.29 19.77 -3.18
CA ASP C 171 -9.86 19.84 -3.00
C ASP C 171 -9.40 18.51 -2.41
N PRO C 172 -8.30 17.94 -2.95
CA PRO C 172 -7.77 16.67 -2.47
C PRO C 172 -7.47 16.66 -0.97
N GLN C 173 -7.01 17.78 -0.44
CA GLN C 173 -6.73 17.85 0.99
C GLN C 173 -6.94 19.26 1.53
N ALA C 174 -7.31 19.36 2.80
CA ALA C 174 -7.53 20.63 3.44
C ALA C 174 -6.23 21.42 3.40
N TYR C 175 -6.31 22.68 2.99
CA TYR C 175 -5.14 23.54 2.92
C TYR C 175 -5.10 24.45 4.14
N LYS C 176 -3.91 24.60 4.73
CA LYS C 176 -3.73 25.42 5.91
C LYS C 176 -3.74 26.91 5.55
N GLU C 177 -4.47 27.71 6.33
CA GLU C 177 -4.53 29.14 6.09
C GLU C 177 -3.62 29.87 7.07
N SER C 178 -3.84 29.65 8.35
CA SER C 178 -3.01 30.26 9.38
C SER C 178 -2.33 29.10 10.11
N ASN C 179 -1.67 29.40 11.22
CA ASN C 179 -1.00 28.36 12.00
C ASN C 179 -2.00 27.37 12.57
N TYR C 180 -3.16 27.87 12.97
CA TYR C 180 -4.19 27.02 13.55
C TYR C 180 -5.52 27.10 12.82
N SER C 181 -5.48 27.09 11.49
CA SER C 181 -6.72 27.16 10.73
C SER C 181 -6.59 26.52 9.36
N TYR C 182 -7.56 25.70 9.01
CA TYR C 182 -7.56 25.04 7.71
C TYR C 182 -8.72 25.53 6.86
N CYS C 183 -8.60 25.29 5.56
CA CYS C 183 -9.61 25.69 4.60
C CYS C 183 -9.86 24.50 3.66
N LEU C 184 -11.08 24.38 3.18
CA LEU C 184 -11.44 23.29 2.28
C LEU C 184 -12.59 23.73 1.40
N SER C 185 -12.43 23.61 0.09
CA SER C 185 -13.50 24.01 -0.83
C SER C 185 -13.88 22.89 -1.78
N SER C 186 -15.07 23.02 -2.37
CA SER C 186 -15.57 22.02 -3.30
C SER C 186 -16.48 22.71 -4.32
N ARG C 187 -16.75 22.03 -5.44
CA ARG C 187 -17.64 22.58 -6.47
C ARG C 187 -18.60 21.52 -6.99
N LEU C 188 -19.82 21.95 -7.28
CA LEU C 188 -20.83 21.05 -7.81
C LEU C 188 -21.42 21.69 -9.06
N ARG C 189 -21.20 21.07 -10.22
CA ARG C 189 -21.72 21.60 -11.47
C ARG C 189 -23.00 20.87 -11.91
N VAL C 190 -23.97 21.66 -12.37
CA VAL C 190 -25.23 21.09 -12.85
C VAL C 190 -25.69 21.89 -14.06
N SER C 191 -26.67 21.36 -14.79
CA SER C 191 -27.20 22.04 -15.96
C SER C 191 -27.88 23.33 -15.50
N ALA C 192 -27.59 24.45 -16.17
CA ALA C 192 -28.20 25.73 -15.82
C ALA C 192 -29.73 25.60 -15.71
N THR C 193 -30.27 24.60 -16.40
CA THR C 193 -31.70 24.34 -16.38
C THR C 193 -32.08 23.74 -15.02
N PHE C 194 -31.21 22.87 -14.52
CA PHE C 194 -31.41 22.21 -13.25
C PHE C 194 -31.32 23.23 -12.11
N TRP C 195 -30.38 24.16 -12.23
CA TRP C 195 -30.18 25.20 -11.22
C TRP C 195 -31.31 26.23 -11.22
N HIS C 196 -32.13 26.22 -12.26
CA HIS C 196 -33.21 27.18 -12.35
C HIS C 196 -34.55 26.63 -11.88
N ASN C 197 -34.60 25.33 -11.58
CA ASN C 197 -35.84 24.72 -11.10
C ASN C 197 -35.97 24.91 -9.58
N PRO C 198 -36.93 25.73 -9.14
CA PRO C 198 -37.17 25.99 -7.72
C PRO C 198 -37.50 24.75 -6.91
N ARG C 199 -37.71 23.64 -7.61
CA ARG C 199 -38.04 22.38 -6.96
C ARG C 199 -36.79 21.61 -6.50
N ASN C 200 -35.64 21.96 -7.09
CA ASN C 200 -34.37 21.33 -6.75
C ASN C 200 -33.74 21.91 -5.48
N HIS C 201 -33.37 21.03 -4.57
CA HIS C 201 -32.75 21.42 -3.32
C HIS C 201 -31.25 21.12 -3.36
N PHE C 202 -30.43 22.09 -2.95
CA PHE C 202 -28.99 21.91 -2.92
C PHE C 202 -28.48 21.99 -1.49
N ARG C 203 -27.64 21.04 -1.11
CA ARG C 203 -27.09 21.02 0.24
C ARG C 203 -25.63 20.61 0.31
N CYS C 204 -24.84 21.41 1.04
CA CYS C 204 -23.44 21.12 1.22
C CYS C 204 -23.27 20.67 2.67
N GLN C 205 -22.93 19.39 2.85
CA GLN C 205 -22.77 18.77 4.17
C GLN C 205 -21.30 18.66 4.60
N VAL C 206 -21.01 19.13 5.81
CA VAL C 206 -19.65 19.07 6.33
C VAL C 206 -19.62 18.44 7.73
N GLN C 207 -18.71 17.47 7.91
CA GLN C 207 -18.61 16.82 9.20
C GLN C 207 -17.23 17.14 9.78
N PHE C 208 -17.22 17.63 11.03
CA PHE C 208 -15.98 17.98 11.71
C PHE C 208 -15.83 17.14 12.95
N HIS C 209 -14.68 16.49 13.10
CA HIS C 209 -14.41 15.68 14.27
C HIS C 209 -13.48 16.47 15.18
N GLY C 210 -13.94 16.75 16.40
CA GLY C 210 -13.15 17.51 17.33
C GLY C 210 -12.72 16.69 18.53
N LEU C 211 -13.17 17.09 19.71
CA LEU C 211 -12.85 16.39 20.94
C LEU C 211 -13.92 15.33 21.21
N SER C 212 -13.58 14.38 22.08
CA SER C 212 -14.51 13.30 22.42
C SER C 212 -14.89 13.34 23.89
N GLU C 213 -15.94 12.61 24.27
CA GLU C 213 -16.39 12.57 25.65
C GLU C 213 -15.21 12.26 26.58
N GLU C 214 -14.43 11.25 26.22
CA GLU C 214 -13.27 10.86 27.02
C GLU C 214 -12.36 12.03 27.33
N ASP C 215 -12.35 13.02 26.45
CA ASP C 215 -11.52 14.21 26.64
C ASP C 215 -12.11 15.14 27.69
N LYS C 216 -11.25 15.84 28.42
CA LYS C 216 -11.67 16.77 29.46
C LYS C 216 -11.40 18.19 28.98
N TRP C 217 -12.47 18.97 28.85
CA TRP C 217 -12.34 20.35 28.39
C TRP C 217 -12.60 21.33 29.53
N PRO C 218 -11.69 22.31 29.71
CA PRO C 218 -11.78 23.33 30.76
C PRO C 218 -13.18 23.94 30.90
N GLU C 219 -13.91 23.50 31.93
CA GLU C 219 -15.27 23.94 32.22
C GLU C 219 -15.47 25.46 32.13
N GLY C 220 -16.64 25.87 31.64
CA GLY C 220 -16.94 27.27 31.49
C GLY C 220 -17.01 27.63 30.01
N SER C 221 -16.27 26.89 29.20
CA SER C 221 -16.25 27.10 27.76
C SER C 221 -16.93 25.94 27.04
N PRO C 222 -17.66 26.23 25.96
CA PRO C 222 -18.34 25.19 25.19
C PRO C 222 -17.33 24.23 24.57
N LYS C 223 -17.55 22.94 24.77
CA LYS C 223 -16.65 21.93 24.24
C LYS C 223 -16.84 21.67 22.75
N PRO C 224 -15.80 21.91 21.95
CA PRO C 224 -15.80 21.73 20.50
C PRO C 224 -15.78 20.25 20.10
N VAL C 225 -16.90 19.58 20.32
CA VAL C 225 -17.03 18.17 19.99
C VAL C 225 -17.54 18.06 18.53
N THR C 226 -17.44 16.87 17.96
CA THR C 226 -17.88 16.64 16.59
C THR C 226 -19.11 17.48 16.20
N GLN C 227 -19.17 17.88 14.93
CA GLN C 227 -20.27 18.70 14.41
C GLN C 227 -20.68 18.35 12.99
N ASN C 228 -21.94 18.58 12.67
CA ASN C 228 -22.45 18.32 11.34
C ASN C 228 -23.14 19.57 10.81
N ILE C 229 -22.35 20.43 10.18
CA ILE C 229 -22.83 21.67 9.64
C ILE C 229 -23.19 21.54 8.16
N SER C 230 -24.26 22.22 7.76
CA SER C 230 -24.67 22.18 6.36
C SER C 230 -25.20 23.51 5.87
N ALA C 231 -24.88 23.82 4.62
CA ALA C 231 -25.34 25.04 3.96
C ALA C 231 -26.26 24.59 2.83
N GLU C 232 -27.41 25.24 2.70
CA GLU C 232 -28.36 24.85 1.68
C GLU C 232 -28.86 26.01 0.83
N ALA C 233 -29.53 25.68 -0.26
CA ALA C 233 -30.10 26.66 -1.18
C ALA C 233 -31.03 25.99 -2.16
N TRP C 234 -32.04 26.74 -2.62
CA TRP C 234 -33.02 26.23 -3.60
C TRP C 234 -32.67 26.77 -4.98
N GLY C 235 -33.14 26.08 -6.02
CA GLY C 235 -32.89 26.52 -7.37
C GLY C 235 -33.54 27.86 -7.67
N ARG C 236 -32.77 28.80 -8.20
CA ARG C 236 -33.27 30.13 -8.51
C ARG C 236 -33.53 30.34 -10.01
N GLN D 1 24.16 -30.47 33.75
CA GLN D 1 24.13 -29.00 33.45
C GLN D 1 24.51 -28.18 34.68
N GLN D 2 25.74 -27.66 34.68
CA GLN D 2 26.22 -26.83 35.79
C GLN D 2 25.76 -25.39 35.59
N ASP D 3 25.85 -24.58 36.65
CA ASP D 3 25.43 -23.18 36.57
C ASP D 3 26.10 -22.45 35.41
N PRO D 4 25.38 -21.55 34.76
CA PRO D 4 25.92 -20.79 33.64
C PRO D 4 27.08 -19.87 34.01
N ASP D 5 27.78 -19.41 32.98
CA ASP D 5 28.90 -18.49 33.11
C ASP D 5 28.41 -17.22 32.43
N PRO D 6 28.86 -16.03 32.86
CA PRO D 6 28.42 -14.79 32.23
C PRO D 6 28.40 -14.86 30.70
N SER D 7 29.45 -15.44 30.11
CA SER D 7 29.53 -15.54 28.67
C SER D 7 28.55 -16.57 28.09
N GLN D 8 27.93 -17.35 28.96
CA GLN D 8 26.98 -18.34 28.50
C GLN D 8 25.53 -17.87 28.58
N LEU D 9 25.32 -16.64 29.04
CA LEU D 9 23.97 -16.13 29.13
C LEU D 9 23.65 -15.19 27.98
N HIS D 10 22.45 -15.33 27.44
CA HIS D 10 21.99 -14.50 26.33
C HIS D 10 21.72 -13.08 26.83
N ARG D 11 22.12 -12.10 26.04
CA ARG D 11 21.92 -10.69 26.38
C ARG D 11 20.61 -10.18 25.78
N SER D 12 19.78 -9.55 26.59
CA SER D 12 18.50 -9.02 26.13
C SER D 12 18.63 -7.88 25.14
N SER D 13 19.65 -7.05 25.31
CA SER D 13 19.87 -5.91 24.42
C SER D 13 20.17 -6.34 22.98
N LEU D 14 20.46 -7.62 22.79
CA LEU D 14 20.76 -8.14 21.46
C LEU D 14 19.53 -8.70 20.76
N VAL D 15 18.42 -8.80 21.49
CA VAL D 15 17.20 -9.34 20.93
C VAL D 15 16.34 -8.29 20.28
N LYS D 16 16.17 -8.39 18.96
CA LYS D 16 15.39 -7.45 18.17
C LYS D 16 13.91 -7.38 18.57
N ASN D 17 13.26 -8.53 18.60
CA ASN D 17 11.86 -8.58 18.92
C ASN D 17 11.56 -9.18 20.29
N LEU D 18 12.24 -8.67 21.32
CA LEU D 18 12.05 -9.19 22.67
C LEU D 18 10.59 -9.14 23.18
N GLN D 19 9.70 -8.37 22.52
CA GLN D 19 8.30 -8.31 22.96
C GLN D 19 7.64 -9.68 22.87
N ASN D 20 8.10 -10.50 21.93
CA ASN D 20 7.48 -11.80 21.78
C ASN D 20 7.71 -12.74 22.94
N ILE D 21 8.65 -12.39 23.83
CA ILE D 21 8.88 -13.20 25.02
C ILE D 21 7.91 -12.66 26.08
N TYR D 22 7.78 -11.35 26.14
CA TYR D 22 6.89 -10.69 27.08
C TYR D 22 5.44 -11.16 26.92
N PHE D 23 4.96 -11.33 25.69
CA PHE D 23 3.59 -11.78 25.50
C PHE D 23 3.37 -13.16 26.09
N LEU D 24 4.38 -14.02 26.01
CA LEU D 24 4.28 -15.36 26.56
C LEU D 24 4.10 -15.40 28.08
N TYR D 25 4.85 -14.58 28.80
CA TYR D 25 4.74 -14.60 30.26
C TYR D 25 3.89 -13.54 30.92
N GLU D 26 3.40 -12.59 30.14
CA GLU D 26 2.54 -11.55 30.71
C GLU D 26 1.10 -12.03 30.58
N GLY D 27 0.80 -12.73 29.49
CA GLY D 27 -0.54 -13.24 29.27
C GLY D 27 -0.82 -14.51 30.05
N ASP D 28 -2.11 -14.85 30.18
CA ASP D 28 -2.51 -16.06 30.90
C ASP D 28 -1.97 -17.30 30.25
N PRO D 29 -1.65 -18.31 31.05
CA PRO D 29 -1.13 -19.56 30.55
C PRO D 29 -2.32 -20.42 30.18
N VAL D 30 -2.09 -21.55 29.55
CA VAL D 30 -3.18 -22.44 29.21
C VAL D 30 -3.23 -23.49 30.33
N THR D 31 -4.35 -23.55 31.04
CA THR D 31 -4.49 -24.52 32.14
C THR D 31 -5.76 -25.36 31.99
N HIS D 32 -5.61 -26.67 32.13
CA HIS D 32 -6.76 -27.56 32.03
C HIS D 32 -6.70 -28.70 33.03
N GLU D 33 -7.83 -28.95 33.68
CA GLU D 33 -7.96 -29.98 34.69
C GLU D 33 -8.62 -31.27 34.21
N ASN D 34 -8.03 -32.40 34.57
CA ASN D 34 -8.57 -33.71 34.24
C ASN D 34 -9.16 -33.83 32.83
N VAL D 35 -8.29 -34.07 31.85
CA VAL D 35 -8.69 -34.22 30.46
C VAL D 35 -7.84 -35.32 29.83
N LYS D 36 -8.28 -35.85 28.69
CA LYS D 36 -7.55 -36.94 28.06
C LYS D 36 -7.39 -36.77 26.56
N SER D 37 -6.22 -37.18 26.07
CA SER D 37 -5.87 -37.12 24.66
C SER D 37 -7.05 -37.53 23.77
N VAL D 38 -7.17 -36.86 22.63
CA VAL D 38 -8.24 -37.09 21.68
C VAL D 38 -7.68 -37.48 20.31
N ASP D 39 -6.51 -36.95 19.99
CA ASP D 39 -5.87 -37.23 18.72
C ASP D 39 -4.35 -37.14 18.88
N GLN D 40 -3.66 -37.25 17.76
CA GLN D 40 -2.20 -37.18 17.77
C GLN D 40 -1.70 -36.98 16.35
N LEU D 41 -0.70 -36.13 16.20
CA LEU D 41 -0.12 -35.85 14.89
C LEU D 41 1.19 -36.60 14.73
N LEU D 42 2.18 -36.23 15.53
CA LEU D 42 3.48 -36.91 15.47
C LEU D 42 3.58 -37.86 16.65
N SER D 43 4.51 -38.80 16.58
CA SER D 43 4.67 -39.79 17.64
C SER D 43 4.92 -39.24 19.04
N HIS D 44 5.48 -38.04 19.14
CA HIS D 44 5.78 -37.46 20.46
C HIS D 44 4.81 -36.39 20.95
N ASP D 45 3.65 -36.27 20.32
CA ASP D 45 2.71 -35.26 20.77
C ASP D 45 1.32 -35.80 21.07
N LEU D 46 0.49 -34.95 21.68
CA LEU D 46 -0.87 -35.28 22.04
C LEU D 46 -1.78 -34.08 21.76
N ILE D 47 -2.96 -34.35 21.24
CA ILE D 47 -3.91 -33.28 20.94
C ILE D 47 -5.10 -33.41 21.88
N TYR D 48 -5.57 -32.28 22.41
CA TYR D 48 -6.71 -32.31 23.31
C TYR D 48 -7.87 -31.48 22.77
N ASN D 49 -9.07 -31.88 23.15
CA ASN D 49 -10.27 -31.18 22.75
C ASN D 49 -10.62 -30.17 23.83
N VAL D 50 -9.72 -29.22 24.06
CA VAL D 50 -9.94 -28.20 25.07
C VAL D 50 -10.01 -26.83 24.39
N SER D 51 -10.46 -25.82 25.11
CA SER D 51 -10.61 -24.51 24.51
C SER D 51 -10.15 -23.35 25.36
N GLY D 52 -9.91 -22.23 24.69
CA GLY D 52 -9.50 -21.01 25.33
C GLY D 52 -9.89 -19.87 24.41
N PRO D 53 -9.67 -18.62 24.82
CA PRO D 53 -10.03 -17.48 23.97
C PRO D 53 -9.63 -17.63 22.50
N ASN D 54 -8.40 -18.05 22.24
CA ASN D 54 -7.93 -18.19 20.86
C ASN D 54 -7.83 -19.59 20.25
N TYR D 55 -8.44 -20.59 20.86
CA TYR D 55 -8.32 -21.95 20.30
C TYR D 55 -9.41 -22.92 20.68
N ASP D 56 -9.61 -23.92 19.83
CA ASP D 56 -10.60 -24.97 20.05
C ASP D 56 -9.89 -26.30 20.22
N LYS D 57 -8.58 -26.31 19.93
CA LYS D 57 -7.76 -27.50 20.07
C LYS D 57 -6.36 -27.15 20.56
N LEU D 58 -5.80 -28.02 21.39
CA LEU D 58 -4.47 -27.81 21.97
C LEU D 58 -3.56 -28.99 21.69
N LYS D 59 -2.35 -28.71 21.21
CA LYS D 59 -1.38 -29.75 20.93
C LYS D 59 -0.18 -29.57 21.87
N THR D 60 0.38 -30.68 22.34
CA THR D 60 1.53 -30.60 23.21
C THR D 60 2.61 -31.57 22.78
N GLU D 61 3.77 -31.06 22.43
CA GLU D 61 4.86 -31.93 22.03
C GLU D 61 5.60 -32.29 23.31
N LEU D 62 5.72 -33.59 23.58
CA LEU D 62 6.40 -34.05 24.76
C LEU D 62 7.81 -34.51 24.41
N LYS D 63 8.53 -35.05 25.38
CA LYS D 63 9.89 -35.50 25.18
C LYS D 63 10.11 -36.49 24.04
N ASN D 64 9.25 -37.49 23.93
CA ASN D 64 9.40 -38.52 22.90
C ASN D 64 8.17 -39.41 22.84
N GLN D 65 8.16 -40.39 21.93
CA GLN D 65 7.00 -41.26 21.82
C GLN D 65 6.70 -42.08 23.05
N GLU D 66 7.74 -42.50 23.76
CA GLU D 66 7.54 -43.28 24.98
C GLU D 66 6.71 -42.45 25.96
N MET D 67 7.07 -41.19 26.13
CA MET D 67 6.34 -40.31 27.04
C MET D 67 4.96 -39.96 26.49
N ALA D 68 4.85 -39.81 25.19
CA ALA D 68 3.56 -39.49 24.58
C ALA D 68 2.58 -40.62 24.81
N THR D 69 2.99 -41.86 24.50
CA THR D 69 2.12 -43.01 24.69
C THR D 69 1.85 -43.28 26.18
N LEU D 70 2.67 -42.70 27.06
CA LEU D 70 2.47 -42.89 28.48
C LEU D 70 1.26 -42.09 28.98
N PHE D 71 1.13 -40.84 28.52
CA PHE D 71 0.03 -39.98 28.92
C PHE D 71 -1.15 -40.09 27.98
N LYS D 72 -0.94 -40.69 26.82
CA LYS D 72 -2.01 -40.81 25.83
C LYS D 72 -3.42 -41.09 26.38
N ASP D 73 -3.59 -42.18 27.12
CA ASP D 73 -4.91 -42.53 27.64
C ASP D 73 -5.22 -42.12 29.07
N LYS D 74 -4.29 -41.43 29.74
CA LYS D 74 -4.53 -41.04 31.11
C LYS D 74 -5.29 -39.72 31.23
N ASN D 75 -5.74 -39.41 32.44
CA ASN D 75 -6.45 -38.17 32.69
C ASN D 75 -5.40 -37.23 33.25
N VAL D 76 -5.05 -36.20 32.50
CA VAL D 76 -4.03 -35.29 32.94
C VAL D 76 -4.45 -33.87 33.18
N ASP D 77 -3.54 -33.14 33.81
CA ASP D 77 -3.72 -31.73 34.07
C ASP D 77 -2.71 -31.07 33.16
N ILE D 78 -3.13 -29.99 32.50
CA ILE D 78 -2.24 -29.28 31.59
C ILE D 78 -1.95 -27.90 32.12
N TYR D 79 -0.68 -27.51 32.02
CA TYR D 79 -0.25 -26.20 32.47
C TYR D 79 0.92 -25.75 31.61
N GLY D 80 0.67 -24.96 30.58
CA GLY D 80 1.75 -24.53 29.72
C GLY D 80 1.67 -23.14 29.12
N VAL D 81 2.78 -22.73 28.53
CA VAL D 81 2.89 -21.43 27.86
C VAL D 81 2.73 -21.70 26.36
N GLU D 82 1.60 -21.27 25.80
CA GLU D 82 1.33 -21.52 24.40
C GLU D 82 1.66 -20.43 23.40
N TYR D 83 1.82 -20.87 22.14
CA TYR D 83 2.10 -20.01 21.01
C TYR D 83 1.11 -20.36 19.90
N TYR D 84 0.91 -19.45 18.96
CA TYR D 84 -0.04 -19.68 17.87
C TYR D 84 0.61 -19.67 16.48
N HIS D 85 1.65 -18.87 16.32
CA HIS D 85 2.32 -18.81 15.03
C HIS D 85 3.10 -20.09 14.75
N LEU D 86 2.84 -20.72 13.60
CA LEU D 86 3.54 -21.94 13.24
C LEU D 86 3.03 -23.16 14.02
N CYS D 87 1.75 -23.12 14.38
CA CYS D 87 1.14 -24.22 15.11
C CYS D 87 0.23 -24.99 14.16
N TYR D 88 0.85 -25.81 13.32
CA TYR D 88 0.11 -26.62 12.34
C TYR D 88 -0.41 -27.88 13.04
N LEU D 89 -1.72 -28.08 12.98
CA LEU D 89 -2.35 -29.22 13.62
C LEU D 89 -2.99 -30.14 12.59
N SER D 90 -2.96 -29.73 11.32
CA SER D 90 -3.54 -30.50 10.24
C SER D 90 -3.26 -29.82 8.90
N GLU D 91 -4.11 -30.08 7.91
CA GLU D 91 -3.97 -29.49 6.58
C GLU D 91 -4.86 -28.25 6.47
N ASN D 92 -6.10 -28.40 6.94
CA ASN D 92 -7.07 -27.30 6.91
C ASN D 92 -7.99 -27.41 8.13
N ALA D 93 -8.07 -26.33 8.91
CA ALA D 93 -8.92 -26.32 10.10
C ALA D 93 -8.62 -25.09 10.95
N GLU D 94 -7.50 -25.16 11.67
CA GLU D 94 -7.01 -24.07 12.53
C GLU D 94 -7.74 -23.81 13.85
N ARG D 95 -7.36 -22.69 14.47
CA ARG D 95 -7.90 -22.27 15.76
C ARG D 95 -7.27 -23.23 16.75
N SER D 96 -5.95 -23.39 16.61
CA SER D 96 -5.18 -24.30 17.44
C SER D 96 -4.10 -23.58 18.24
N ALA D 97 -3.79 -24.11 19.41
CA ALA D 97 -2.76 -23.53 20.25
C ALA D 97 -1.73 -24.63 20.47
N CYS D 98 -0.47 -24.23 20.66
CA CYS D 98 0.59 -25.20 20.87
C CYS D 98 1.45 -24.92 22.12
N ILE D 99 1.92 -25.99 22.75
CA ILE D 99 2.78 -25.89 23.92
C ILE D 99 3.78 -27.03 23.90
N TYR D 100 4.65 -27.05 24.90
CA TYR D 100 5.64 -28.12 25.04
C TYR D 100 5.49 -28.60 26.47
N GLY D 101 5.40 -29.92 26.64
CA GLY D 101 5.24 -30.48 27.98
C GLY D 101 4.04 -29.91 28.72
N GLY D 102 4.22 -29.55 29.99
CA GLY D 102 3.15 -29.00 30.79
C GLY D 102 2.10 -30.03 31.14
N VAL D 103 2.47 -31.31 31.13
CA VAL D 103 1.54 -32.40 31.41
C VAL D 103 1.87 -33.24 32.65
N THR D 104 0.88 -33.44 33.49
CA THR D 104 1.03 -34.25 34.70
C THR D 104 -0.26 -35.06 34.91
N ASN D 105 -0.16 -36.18 35.63
CA ASN D 105 -1.35 -37.00 35.87
C ASN D 105 -2.26 -36.24 36.83
N HIS D 106 -3.55 -36.31 36.59
CA HIS D 106 -4.51 -35.62 37.45
C HIS D 106 -4.79 -36.36 38.76
N GLU D 107 -5.24 -37.60 38.64
CA GLU D 107 -5.59 -38.40 39.80
C GLU D 107 -4.58 -38.46 40.94
N GLY D 108 -5.02 -38.03 42.12
CA GLY D 108 -4.20 -38.04 43.31
C GLY D 108 -2.90 -37.25 43.26
N ASN D 109 -2.90 -36.11 42.58
CA ASN D 109 -1.71 -35.30 42.51
C ASN D 109 -1.99 -33.92 43.09
N HIS D 110 -3.17 -33.79 43.72
CA HIS D 110 -3.61 -32.53 44.31
C HIS D 110 -3.35 -32.44 45.82
N LEU D 111 -3.21 -31.22 46.31
CA LEU D 111 -2.95 -30.98 47.73
C LEU D 111 -4.19 -30.43 48.43
N GLU D 112 -4.40 -30.81 49.69
CA GLU D 112 -5.54 -30.33 50.46
C GLU D 112 -5.41 -28.80 50.49
N ILE D 113 -4.20 -28.33 50.71
CA ILE D 113 -3.95 -26.90 50.71
C ILE D 113 -2.77 -26.59 49.79
N PRO D 114 -2.85 -25.45 49.09
CA PRO D 114 -1.77 -25.06 48.19
C PRO D 114 -0.39 -25.00 48.85
N LYS D 115 0.60 -25.52 48.16
CA LYS D 115 1.98 -25.53 48.65
C LYS D 115 2.70 -24.28 48.17
N LYS D 116 3.16 -23.47 49.11
CA LYS D 116 3.87 -22.24 48.80
C LYS D 116 5.37 -22.47 48.69
N ILE D 117 5.94 -22.11 47.54
CA ILE D 117 7.36 -22.28 47.32
C ILE D 117 8.02 -20.90 47.30
N VAL D 118 9.13 -20.76 48.03
CA VAL D 118 9.81 -19.48 48.08
C VAL D 118 10.76 -19.32 46.90
N VAL D 119 10.75 -18.14 46.31
CA VAL D 119 11.64 -17.86 45.18
C VAL D 119 12.62 -16.81 45.63
N LYS D 120 13.89 -17.20 45.72
CA LYS D 120 14.92 -16.28 46.14
C LYS D 120 15.55 -15.62 44.92
N VAL D 121 15.21 -14.36 44.71
CA VAL D 121 15.70 -13.59 43.58
C VAL D 121 16.98 -12.86 43.94
N SER D 122 17.96 -12.94 43.05
CA SER D 122 19.23 -12.27 43.27
C SER D 122 19.49 -11.30 42.11
N ILE D 123 19.75 -10.04 42.42
CA ILE D 123 20.00 -9.04 41.39
C ILE D 123 21.42 -8.50 41.53
N ASP D 124 22.23 -8.73 40.50
CA ASP D 124 23.62 -8.28 40.50
C ASP D 124 24.42 -8.89 41.67
N GLY D 125 24.34 -10.22 41.79
CA GLY D 125 25.06 -10.92 42.83
C GLY D 125 24.58 -10.70 44.25
N ILE D 126 23.42 -10.08 44.43
CA ILE D 126 22.91 -9.83 45.77
C ILE D 126 21.45 -10.24 45.97
N GLN D 127 21.28 -11.42 46.56
CA GLN D 127 19.96 -11.98 46.86
C GLN D 127 19.25 -10.99 47.78
N SER D 128 18.48 -10.08 47.16
CA SER D 128 17.77 -9.03 47.89
C SER D 128 16.28 -9.02 47.65
N LEU D 129 15.78 -10.00 46.93
CA LEU D 129 14.35 -10.08 46.67
C LEU D 129 13.85 -11.49 46.97
N SER D 130 12.66 -11.57 47.53
CA SER D 130 12.10 -12.85 47.87
C SER D 130 10.60 -12.77 47.86
N PHE D 131 9.94 -13.72 47.18
CA PHE D 131 8.49 -13.74 47.11
C PHE D 131 8.00 -15.17 46.99
N ASP D 132 6.71 -15.38 47.18
CA ASP D 132 6.16 -16.73 47.11
C ASP D 132 5.43 -17.08 45.84
N ILE D 133 5.51 -18.36 45.50
CA ILE D 133 4.86 -18.95 44.34
C ILE D 133 3.91 -19.98 44.93
N GLU D 134 2.94 -20.44 44.17
CA GLU D 134 1.97 -21.38 44.72
C GLU D 134 1.56 -22.47 43.74
N THR D 135 1.28 -23.66 44.25
CA THR D 135 0.83 -24.77 43.41
C THR D 135 0.07 -25.74 44.27
N ASN D 136 -0.90 -26.43 43.68
CA ASN D 136 -1.67 -27.39 44.43
C ASN D 136 -1.43 -28.78 43.88
N LYS D 137 -0.27 -28.94 43.25
CA LYS D 137 0.13 -30.23 42.67
C LYS D 137 1.30 -30.81 43.48
N LYS D 138 1.33 -32.13 43.64
CA LYS D 138 2.41 -32.78 44.37
C LYS D 138 3.61 -32.84 43.43
N MET D 139 3.36 -33.32 42.21
CA MET D 139 4.38 -33.39 41.17
C MET D 139 4.02 -32.32 40.13
N VAL D 140 4.81 -31.26 40.09
CA VAL D 140 4.55 -30.15 39.18
C VAL D 140 5.68 -29.97 38.16
N THR D 141 5.31 -29.57 36.95
CA THR D 141 6.28 -29.34 35.88
C THR D 141 7.06 -28.07 36.15
N ALA D 142 8.32 -28.08 35.73
CA ALA D 142 9.15 -26.91 35.91
C ALA D 142 8.50 -25.74 35.19
N GLN D 143 7.89 -26.02 34.05
CA GLN D 143 7.22 -25.01 33.26
C GLN D 143 6.22 -24.19 34.09
N GLU D 144 5.37 -24.89 34.84
CA GLU D 144 4.38 -24.21 35.67
C GLU D 144 5.03 -23.22 36.64
N LEU D 145 5.99 -23.71 37.40
CA LEU D 145 6.68 -22.87 38.35
C LEU D 145 7.40 -21.72 37.64
N ASP D 146 8.01 -22.02 36.49
CA ASP D 146 8.71 -21.00 35.73
C ASP D 146 7.73 -19.90 35.33
N TYR D 147 6.63 -20.28 34.68
CA TYR D 147 5.64 -19.30 34.28
C TYR D 147 5.26 -18.40 35.46
N LYS D 148 4.99 -19.01 36.61
CA LYS D 148 4.60 -18.29 37.80
C LYS D 148 5.68 -17.34 38.31
N VAL D 149 6.94 -17.75 38.19
CA VAL D 149 8.04 -16.89 38.61
C VAL D 149 8.14 -15.68 37.69
N ARG D 150 8.10 -15.92 36.39
CA ARG D 150 8.22 -14.82 35.45
C ARG D 150 7.03 -13.90 35.38
N LYS D 151 5.84 -14.44 35.62
CA LYS D 151 4.61 -13.64 35.62
C LYS D 151 4.70 -12.58 36.71
N TYR D 152 5.12 -13.03 37.89
CA TYR D 152 5.26 -12.15 39.04
C TYR D 152 6.34 -11.11 38.78
N LEU D 153 7.51 -11.57 38.33
CA LEU D 153 8.63 -10.67 38.06
C LEU D 153 8.35 -9.67 36.94
N THR D 154 7.47 -10.04 36.01
CA THR D 154 7.10 -9.16 34.92
C THR D 154 6.10 -8.13 35.43
N ASP D 155 5.15 -8.58 36.25
CA ASP D 155 4.15 -7.68 36.81
C ASP D 155 4.75 -6.74 37.84
N ASN D 156 5.65 -7.25 38.66
CA ASN D 156 6.22 -6.42 39.72
C ASN D 156 7.59 -5.81 39.55
N LYS D 157 8.48 -6.47 38.82
CA LYS D 157 9.83 -5.95 38.65
C LYS D 157 10.20 -5.59 37.21
N GLN D 158 9.24 -5.69 36.31
CA GLN D 158 9.46 -5.38 34.90
C GLN D 158 10.53 -6.23 34.20
N LEU D 159 10.53 -7.53 34.47
CA LEU D 159 11.46 -8.45 33.84
C LEU D 159 11.32 -8.34 32.32
N TYR D 160 10.07 -8.25 31.87
CA TYR D 160 9.75 -8.13 30.45
C TYR D 160 8.76 -6.99 30.26
N THR D 161 8.80 -6.37 29.10
CA THR D 161 7.87 -5.30 28.78
C THR D 161 7.59 -5.44 27.30
N ASN D 162 6.58 -4.72 26.81
CA ASN D 162 6.29 -4.74 25.40
C ASN D 162 7.38 -3.82 24.86
N GLY D 163 8.60 -4.32 24.88
CA GLY D 163 9.75 -3.56 24.45
C GLY D 163 11.02 -4.16 25.06
N PRO D 164 12.03 -3.33 25.36
CA PRO D 164 13.28 -3.81 25.95
C PRO D 164 13.12 -4.21 27.42
N SER D 165 14.19 -4.72 28.01
CA SER D 165 14.15 -5.13 29.40
C SER D 165 15.17 -4.36 30.25
N LYS D 166 14.82 -4.18 31.51
CA LYS D 166 15.64 -3.49 32.49
C LYS D 166 16.87 -4.36 32.81
N TYR D 167 16.77 -5.65 32.54
CA TYR D 167 17.83 -6.60 32.81
C TYR D 167 18.59 -7.05 31.56
N GLU D 168 19.91 -7.17 31.68
CA GLU D 168 20.74 -7.60 30.56
C GLU D 168 20.76 -9.12 30.42
N THR D 169 20.90 -9.82 31.53
CA THR D 169 20.90 -11.28 31.53
C THR D 169 20.04 -11.77 32.69
N GLY D 170 19.74 -13.06 32.67
CA GLY D 170 18.92 -13.62 33.72
C GLY D 170 18.56 -15.07 33.50
N TYR D 171 18.41 -15.80 34.60
CA TYR D 171 18.03 -17.21 34.52
C TYR D 171 17.38 -17.69 35.80
N ILE D 172 16.66 -18.80 35.69
CA ILE D 172 15.99 -19.41 36.81
C ILE D 172 16.67 -20.76 37.05
N LYS D 173 17.00 -21.02 38.31
CA LYS D 173 17.67 -22.27 38.66
C LYS D 173 16.78 -23.11 39.57
N PHE D 174 16.59 -24.37 39.19
CA PHE D 174 15.77 -25.28 39.98
C PHE D 174 16.66 -26.23 40.76
N ILE D 175 16.35 -26.40 42.03
CA ILE D 175 17.13 -27.29 42.85
C ILE D 175 16.29 -28.38 43.48
N PRO D 176 16.14 -29.51 42.78
CA PRO D 176 15.35 -30.63 43.29
C PRO D 176 16.08 -31.29 44.48
N LYS D 177 15.36 -32.12 45.23
CA LYS D 177 15.91 -32.80 46.40
C LYS D 177 17.20 -33.56 46.15
N ASN D 178 17.07 -34.77 45.62
CA ASN D 178 18.24 -35.59 45.36
C ASN D 178 18.43 -35.79 43.86
N LYS D 179 18.51 -34.68 43.14
CA LYS D 179 18.69 -34.72 41.69
C LYS D 179 19.54 -33.55 41.23
N GLU D 180 20.11 -33.67 40.03
CA GLU D 180 20.95 -32.60 39.49
C GLU D 180 20.12 -31.35 39.22
N SER D 181 20.65 -30.20 39.64
CA SER D 181 19.95 -28.95 39.44
C SER D 181 20.03 -28.57 37.95
N PHE D 182 19.13 -27.68 37.52
CA PHE D 182 19.10 -27.23 36.14
C PHE D 182 18.56 -25.81 36.05
N TRP D 183 18.85 -25.12 34.94
CA TRP D 183 18.41 -23.74 34.76
C TRP D 183 17.92 -23.38 33.36
N PHE D 184 17.16 -22.29 33.28
CA PHE D 184 16.60 -21.79 32.01
C PHE D 184 17.04 -20.35 31.85
N ASP D 185 17.49 -20.01 30.65
CA ASP D 185 17.92 -18.64 30.37
C ASP D 185 16.64 -17.84 30.11
N PHE D 186 16.49 -16.71 30.79
CA PHE D 186 15.31 -15.88 30.63
C PHE D 186 15.25 -15.19 29.28
N PHE D 187 16.39 -15.10 28.60
CA PHE D 187 16.41 -14.43 27.31
C PHE D 187 16.78 -15.35 26.15
N PRO D 188 16.16 -15.13 24.99
CA PRO D 188 16.45 -15.95 23.82
C PRO D 188 17.65 -15.46 23.05
N GLU D 189 17.94 -16.11 21.94
CA GLU D 189 19.04 -15.70 21.08
C GLU D 189 18.52 -14.52 20.25
N PRO D 190 19.43 -13.70 19.73
CA PRO D 190 19.08 -12.52 18.91
C PRO D 190 17.91 -12.75 17.96
N GLU D 191 17.93 -13.87 17.25
CA GLU D 191 16.88 -14.24 16.31
C GLU D 191 16.19 -15.46 16.91
N PHE D 192 14.90 -15.39 17.14
CA PHE D 192 14.18 -16.52 17.72
C PHE D 192 12.72 -16.44 17.30
N THR D 193 11.98 -17.50 17.63
CA THR D 193 10.54 -17.57 17.41
C THR D 193 10.06 -18.12 18.73
N GLN D 194 8.79 -17.90 19.05
CA GLN D 194 8.25 -18.38 20.31
C GLN D 194 8.33 -19.91 20.41
N SER D 195 8.04 -20.62 19.33
CA SER D 195 8.09 -22.08 19.38
C SER D 195 9.50 -22.59 19.60
N LYS D 196 10.48 -21.94 19.00
CA LYS D 196 11.87 -22.35 19.14
C LYS D 196 12.32 -22.16 20.60
N TYR D 197 12.04 -20.99 21.16
CA TYR D 197 12.44 -20.71 22.54
C TYR D 197 11.78 -21.63 23.57
N LEU D 198 10.48 -21.85 23.42
CA LEU D 198 9.73 -22.68 24.36
C LEU D 198 10.08 -24.16 24.38
N MET D 199 11.13 -24.57 23.67
CA MET D 199 11.51 -25.97 23.69
C MET D 199 12.09 -26.39 25.04
N ILE D 200 12.36 -25.42 25.90
CA ILE D 200 12.91 -25.71 27.22
C ILE D 200 11.91 -26.51 28.05
N TYR D 201 10.66 -26.57 27.59
CA TYR D 201 9.62 -27.30 28.32
C TYR D 201 9.25 -28.62 27.64
N LYS D 202 9.90 -28.92 26.53
CA LYS D 202 9.61 -30.15 25.81
C LYS D 202 9.90 -31.42 26.62
N ASP D 203 10.91 -31.37 27.49
CA ASP D 203 11.26 -32.54 28.30
C ASP D 203 10.27 -32.87 29.42
N ASN D 204 9.28 -31.98 29.62
CA ASN D 204 8.24 -32.19 30.62
C ASN D 204 8.78 -32.45 32.02
N GLU D 205 9.96 -31.90 32.33
CA GLU D 205 10.58 -32.08 33.63
C GLU D 205 9.60 -31.73 34.76
N THR D 206 9.41 -32.68 35.66
CA THR D 206 8.49 -32.49 36.79
C THR D 206 9.25 -32.46 38.11
N LEU D 207 8.72 -31.74 39.08
CA LEU D 207 9.36 -31.60 40.39
C LEU D 207 8.43 -31.91 41.55
N ASP D 208 9.02 -32.21 42.69
CA ASP D 208 8.28 -32.47 43.90
C ASP D 208 8.08 -31.08 44.49
N SER D 209 6.87 -30.57 44.41
CA SER D 209 6.58 -29.23 44.92
C SER D 209 6.91 -29.07 46.41
N ASN D 210 6.95 -30.17 47.13
CA ASN D 210 7.24 -30.12 48.55
C ASN D 210 8.72 -29.98 48.88
N THR D 211 9.59 -30.58 48.08
CA THR D 211 11.03 -30.50 48.34
C THR D 211 11.83 -29.99 47.14
N SER D 212 11.52 -28.78 46.70
CA SER D 212 12.22 -28.18 45.57
C SER D 212 12.44 -26.69 45.78
N GLN D 213 13.64 -26.22 45.42
CA GLN D 213 13.98 -24.82 45.59
C GLN D 213 14.04 -24.08 44.26
N ILE D 214 13.80 -22.77 44.30
CA ILE D 214 13.84 -21.94 43.12
C ILE D 214 14.64 -20.67 43.34
N GLU D 215 15.69 -20.50 42.53
CA GLU D 215 16.53 -19.31 42.61
C GLU D 215 16.53 -18.57 41.29
N VAL D 216 16.52 -17.25 41.35
CA VAL D 216 16.55 -16.43 40.15
C VAL D 216 17.75 -15.49 40.22
N TYR D 217 18.49 -15.44 39.12
CA TYR D 217 19.69 -14.61 39.03
C TYR D 217 19.58 -13.61 37.87
N LEU D 218 19.60 -12.32 38.19
CA LEU D 218 19.49 -11.26 37.20
C LEU D 218 20.65 -10.27 37.29
N THR D 219 20.90 -9.54 36.21
CA THR D 219 21.93 -8.50 36.19
C THR D 219 21.32 -7.32 35.45
N THR D 220 21.47 -6.13 36.02
CA THR D 220 20.92 -4.91 35.45
C THR D 220 21.68 -4.44 34.22
N LYS D 221 20.99 -3.69 33.38
CA LYS D 221 21.60 -3.19 32.17
C LYS D 221 22.39 -1.91 32.48
ZN ZN E . 11.25 -15.70 -11.55
C1 GOL F . -5.90 16.38 -14.83
O1 GOL F . -5.70 15.35 -13.93
C2 GOL F . -5.99 15.73 -16.18
O2 GOL F . -5.99 16.82 -17.15
C3 GOL F . -7.35 14.98 -16.26
O3 GOL F . -8.05 15.70 -17.29
ZN ZN G . -16.89 14.55 -45.37
ZN ZN H . -5.53 33.18 -18.04
ZN ZN I . -16.59 11.54 9.84
ZN ZN J . -6.04 -32.02 38.44
ZN ZN K . 22.65 -19.84 23.28
#